data_4CZ1
#
_entry.id   4CZ1
#
_cell.length_a   73.695
_cell.length_b   66.561
_cell.length_c   84.061
_cell.angle_alpha   90.00
_cell.angle_beta   90.24
_cell.angle_gamma   90.00
#
_symmetry.space_group_name_H-M   'P 1 21 1'
#
loop_
_entity.id
_entity.type
_entity.pdbx_description
1 polymer 'KYNURENINE FORMAMIDASE'
2 non-polymer 'ZINC ION'
3 non-polymer 2-aminoacetophenone
4 non-polymer 'MAGNESIUM ION'
5 water water
#
_entity_poly.entity_id   1
_entity_poly.type   'polypeptide(L)'
_entity_poly.pdbx_seq_one_letter_code
;MKTSKWIDISQPLNNDIATWPGDTPFSYEVLWSKEESGSVNVGKLTMSIHTGTHIDAPFHFDNDGKKVLDLDIQVYVGPT
RIIDVSNLESIGKKELEKFHLEGVERLLLRTSSHGKANEFPDIIPHLRADIAPFLSEKGIRLIGVDVPSVDPLDDKELAA
HHQLFKHSIHILENVVLDHVADGDYELIALPLALSDADGSPVRAVIRPI
;
_entity_poly.pdbx_strand_id   A,B,C,D
#
# COMPACT_ATOMS: atom_id res chain seq x y z
N THR A 3 9.49 0.15 -23.79
CA THR A 3 9.26 0.03 -22.31
C THR A 3 7.95 -0.73 -21.90
N SER A 4 7.21 -0.25 -20.90
CA SER A 4 6.22 -1.07 -20.18
C SER A 4 6.87 -2.25 -19.41
N LYS A 5 7.57 -1.83 -18.37
CA LYS A 5 8.21 -2.73 -17.40
C LYS A 5 7.19 -3.51 -16.60
N TRP A 6 7.57 -4.75 -16.25
CA TRP A 6 6.85 -5.48 -15.20
C TRP A 6 7.09 -4.90 -13.84
N ILE A 7 6.04 -4.93 -13.00
CA ILE A 7 6.04 -4.34 -11.65
C ILE A 7 5.78 -5.48 -10.64
N ASP A 8 6.62 -5.56 -9.62
CA ASP A 8 6.50 -6.56 -8.55
C ASP A 8 5.34 -6.15 -7.64
N ILE A 9 4.41 -7.07 -7.41
CA ILE A 9 3.37 -6.88 -6.41
C ILE A 9 3.33 -8.05 -5.45
N SER A 10 4.51 -8.57 -5.14
CA SER A 10 4.70 -9.63 -4.14
C SER A 10 5.30 -9.11 -2.85
N GLN A 11 4.92 -9.73 -1.73
CA GLN A 11 5.58 -9.45 -0.47
C GLN A 11 6.98 -10.07 -0.41
N PRO A 12 7.99 -9.31 0.12
CA PRO A 12 9.34 -9.85 0.34
C PRO A 12 9.31 -11.00 1.32
N LEU A 13 9.97 -12.12 0.97
CA LEU A 13 10.02 -13.29 1.83
C LEU A 13 11.37 -13.38 2.52
N ASN A 14 11.35 -13.21 3.80
CA ASN A 14 12.52 -13.29 4.67
C ASN A 14 12.03 -13.71 6.10
N ASN A 15 12.95 -13.84 7.05
CA ASN A 15 12.65 -14.34 8.36
C ASN A 15 11.80 -13.41 9.23
N ASP A 16 11.63 -12.15 8.85
CA ASP A 16 10.69 -11.25 9.57
C ASP A 16 9.27 -11.24 9.03
N ILE A 17 8.98 -11.95 7.95
CA ILE A 17 7.60 -11.99 7.45
C ILE A 17 6.64 -12.63 8.46
N ALA A 18 5.40 -12.15 8.50
CA ALA A 18 4.38 -12.74 9.39
C ALA A 18 3.86 -14.02 8.80
N THR A 19 3.34 -14.87 9.65
CA THR A 19 2.61 -16.05 9.26
C THR A 19 1.26 -16.10 10.01
N TRP A 20 0.39 -17.02 9.63
CA TRP A 20 -0.83 -17.35 10.39
C TRP A 20 -0.39 -17.85 11.76
N PRO A 21 -1.14 -17.47 12.83
CA PRO A 21 -0.79 -17.86 14.21
C PRO A 21 -0.54 -19.35 14.41
N GLY A 22 0.59 -19.69 15.00
CA GLY A 22 0.94 -21.09 15.23
C GLY A 22 1.45 -21.83 14.00
N ASP A 23 1.40 -21.21 12.83
CA ASP A 23 1.77 -21.87 11.55
C ASP A 23 3.30 -21.87 11.46
N THR A 24 3.88 -22.71 10.60
CA THR A 24 5.33 -22.73 10.39
C THR A 24 5.85 -21.35 10.17
N PRO A 25 6.74 -20.86 11.06
CA PRO A 25 7.49 -19.61 10.72
C PRO A 25 8.37 -19.74 9.46
N PHE A 26 8.58 -18.65 8.73
CA PHE A 26 9.38 -18.67 7.57
C PHE A 26 10.84 -18.74 7.96
N SER A 27 11.58 -19.63 7.26
CA SER A 27 13.00 -19.72 7.53
C SER A 27 13.85 -19.94 6.26
N TYR A 28 14.73 -18.99 5.97
CA TYR A 28 15.82 -19.22 5.00
C TYR A 28 17.14 -19.20 5.77
N GLU A 29 17.91 -20.28 5.66
CA GLU A 29 19.15 -20.37 6.43
C GLU A 29 20.25 -21.11 5.65
N VAL A 30 21.47 -20.64 5.83
CA VAL A 30 22.66 -21.24 5.13
C VAL A 30 23.16 -22.37 6.01
N LEU A 31 22.96 -23.60 5.58
CA LEU A 31 23.37 -24.75 6.40
C LEU A 31 24.87 -24.93 6.38
N TRP A 32 25.39 -24.88 5.18
CA TRP A 32 26.81 -25.08 4.92
C TRP A 32 27.32 -23.88 4.03
N SER A 33 28.18 -23.03 4.57
CA SER A 33 28.65 -21.86 3.87
C SER A 33 29.72 -22.18 2.84
N LYS A 34 30.05 -21.20 2.02
CA LYS A 34 31.13 -21.33 1.06
C LYS A 34 32.51 -21.51 1.71
N GLU A 35 32.77 -20.81 2.80
CA GLU A 35 33.99 -21.06 3.58
C GLU A 35 34.08 -22.55 3.96
N GLU A 36 32.99 -23.08 4.51
CA GLU A 36 32.95 -24.44 5.00
C GLU A 36 33.00 -25.51 3.92
N SER A 37 32.29 -25.31 2.80
CA SER A 37 32.19 -26.32 1.77
C SER A 37 33.30 -26.27 0.77
N GLY A 38 33.97 -25.14 0.71
CA GLY A 38 34.95 -24.86 -0.33
C GLY A 38 34.42 -24.47 -1.70
N SER A 39 33.11 -24.31 -1.87
CA SER A 39 32.61 -23.94 -3.22
C SER A 39 31.29 -23.16 -3.21
N VAL A 40 30.32 -23.59 -2.39
CA VAL A 40 28.94 -23.08 -2.49
C VAL A 40 28.30 -22.79 -1.14
N ASN A 41 27.42 -21.81 -1.15
CA ASN A 41 26.52 -21.61 -0.01
C ASN A 41 25.36 -22.51 -0.20
N VAL A 42 25.12 -23.42 0.73
CA VAL A 42 24.02 -24.36 0.61
C VAL A 42 22.91 -23.96 1.60
N GLY A 43 21.72 -23.79 1.05
CA GLY A 43 20.68 -23.12 1.73
C GLY A 43 19.51 -24.07 1.93
N LYS A 44 18.72 -23.70 2.93
CA LYS A 44 17.50 -24.40 3.21
C LYS A 44 16.33 -23.48 3.52
N LEU A 45 15.21 -23.84 2.86
CA LEU A 45 14.00 -23.08 2.87
C LEU A 45 12.94 -23.87 3.56
N THR A 46 12.39 -23.23 4.58
CA THR A 46 11.34 -23.81 5.36
C THR A 46 10.25 -22.76 5.42
N MET A 47 9.03 -23.20 5.09
CA MET A 47 7.86 -22.27 5.18
C MET A 47 6.53 -23.00 5.13
N SER A 48 5.55 -22.33 5.67
CA SER A 48 4.15 -22.56 5.29
C SER A 48 3.84 -22.06 3.85
N ILE A 49 3.09 -22.88 3.17
CA ILE A 49 2.48 -22.56 1.88
C ILE A 49 1.79 -21.23 1.92
N HIS A 50 1.09 -20.91 3.03
CA HIS A 50 0.29 -19.73 3.01
C HIS A 50 1.03 -18.52 3.58
N THR A 51 2.24 -18.28 3.09
CA THR A 51 3.04 -17.18 3.57
C THR A 51 3.28 -16.22 2.43
N GLY A 52 3.26 -14.92 2.72
CA GLY A 52 3.46 -13.95 1.68
C GLY A 52 2.46 -14.07 0.57
N THR A 53 2.82 -13.59 -0.62
CA THR A 53 1.95 -13.68 -1.79
C THR A 53 1.82 -15.15 -2.30
N HIS A 54 0.60 -15.66 -2.40
CA HIS A 54 0.42 -17.05 -2.67
C HIS A 54 -0.95 -17.33 -3.14
N ILE A 55 -1.11 -18.51 -3.74
CA ILE A 55 -2.44 -18.98 -4.15
C ILE A 55 -2.90 -20.13 -3.32
N ASP A 56 -4.23 -20.27 -3.19
CA ASP A 56 -4.88 -21.46 -2.62
C ASP A 56 -5.32 -22.45 -3.66
N ALA A 57 -5.26 -23.73 -3.31
CA ALA A 57 -5.87 -24.79 -4.12
C ALA A 57 -7.02 -25.32 -3.37
N PRO A 58 -7.99 -25.92 -4.08
CA PRO A 58 -9.22 -26.37 -3.39
C PRO A 58 -8.98 -27.38 -2.28
N PHE A 59 -7.92 -28.16 -2.38
CA PHE A 59 -7.55 -29.05 -1.29
C PHE A 59 -7.36 -28.39 0.06
N HIS A 60 -6.96 -27.13 0.06
CA HIS A 60 -6.71 -26.39 1.29
C HIS A 60 -7.95 -26.40 2.19
N PHE A 61 -9.13 -26.30 1.61
CA PHE A 61 -10.41 -26.25 2.37
C PHE A 61 -11.40 -27.36 2.00
N ASP A 62 -11.03 -28.26 1.10
CA ASP A 62 -11.88 -29.38 0.72
C ASP A 62 -11.06 -30.63 0.50
N ASN A 63 -11.34 -31.67 1.28
CA ASN A 63 -10.52 -32.89 1.25
C ASN A 63 -10.52 -33.60 -0.06
N ASP A 64 -11.58 -33.38 -0.85
CA ASP A 64 -11.62 -33.90 -2.19
C ASP A 64 -11.31 -32.90 -3.28
N GLY A 65 -10.79 -31.74 -2.89
CA GLY A 65 -10.39 -30.71 -3.85
C GLY A 65 -9.10 -31.05 -4.59
N LYS A 66 -8.93 -30.38 -5.71
CA LYS A 66 -7.70 -30.46 -6.47
C LYS A 66 -6.50 -29.92 -5.68
N LYS A 67 -5.36 -30.52 -6.03
CA LYS A 67 -4.05 -30.09 -5.58
C LYS A 67 -3.50 -29.10 -6.60
N VAL A 68 -2.41 -28.44 -6.22
CA VAL A 68 -1.87 -27.30 -6.95
C VAL A 68 -1.53 -27.67 -8.38
N LEU A 69 -1.02 -28.87 -8.60
CA LEU A 69 -0.55 -29.20 -9.96
C LEU A 69 -1.70 -29.52 -10.88
N ASP A 70 -2.85 -29.83 -10.30
CA ASP A 70 -4.02 -30.14 -11.11
C ASP A 70 -4.62 -28.83 -11.71
N LEU A 71 -4.18 -27.66 -11.22
CA LEU A 71 -4.74 -26.36 -11.56
C LEU A 71 -4.34 -25.91 -12.91
N ASP A 72 -5.27 -25.27 -13.61
CA ASP A 72 -5.03 -24.71 -14.95
C ASP A 72 -4.16 -23.44 -14.91
N ILE A 73 -2.98 -23.55 -15.50
CA ILE A 73 -2.03 -22.42 -15.49
C ILE A 73 -2.54 -21.20 -16.27
N GLN A 74 -3.35 -21.41 -17.29
CA GLN A 74 -3.88 -20.28 -18.10
C GLN A 74 -4.65 -19.26 -17.24
N VAL A 75 -5.20 -19.69 -16.10
CA VAL A 75 -5.88 -18.82 -15.18
C VAL A 75 -4.99 -17.76 -14.60
N TYR A 76 -3.72 -18.06 -14.41
CA TYR A 76 -2.81 -17.24 -13.59
C TYR A 76 -1.92 -16.35 -14.41
N VAL A 77 -2.18 -16.34 -15.71
CA VAL A 77 -1.51 -15.43 -16.63
C VAL A 77 -2.49 -14.79 -17.58
N GLY A 78 -2.47 -13.45 -17.67
CA GLY A 78 -3.31 -12.77 -18.62
C GLY A 78 -3.84 -11.40 -18.10
N PRO A 79 -4.67 -10.71 -18.90
CA PRO A 79 -5.29 -9.44 -18.58
C PRO A 79 -6.00 -9.50 -17.23
N THR A 80 -5.80 -8.47 -16.46
CA THR A 80 -6.45 -8.34 -15.15
C THR A 80 -6.87 -6.90 -15.03
N ARG A 81 -7.85 -6.69 -14.25
CA ARG A 81 -8.26 -5.36 -13.83
C ARG A 81 -8.02 -5.16 -12.31
N ILE A 82 -7.55 -3.97 -11.95
CA ILE A 82 -7.38 -3.62 -10.59
C ILE A 82 -8.41 -2.54 -10.23
N ILE A 83 -9.09 -2.73 -9.09
CA ILE A 83 -10.01 -1.76 -8.48
C ILE A 83 -9.83 -1.47 -6.97
N ASP A 84 -10.20 -0.27 -6.56
CA ASP A 84 -10.08 0.17 -5.19
C ASP A 84 -11.36 -0.04 -4.43
N VAL A 85 -11.27 -0.83 -3.35
CA VAL A 85 -12.36 -1.11 -2.46
C VAL A 85 -11.93 -0.84 -1.05
N SER A 86 -11.20 0.24 -0.82
CA SER A 86 -10.81 0.62 0.56
C SER A 86 -11.97 1.13 1.43
N ASN A 87 -11.74 1.17 2.73
CA ASN A 87 -12.75 1.59 3.71
C ASN A 87 -14.09 0.86 3.65
N LEU A 88 -14.00 -0.44 3.47
CA LEU A 88 -15.17 -1.28 3.48
C LEU A 88 -14.91 -2.42 4.44
N GLU A 89 -15.82 -2.66 5.38
CA GLU A 89 -15.72 -3.79 6.27
C GLU A 89 -15.86 -5.13 5.56
N SER A 90 -16.77 -5.18 4.59
CA SER A 90 -16.92 -6.36 3.79
C SER A 90 -17.28 -5.97 2.38
N ILE A 91 -17.09 -6.89 1.43
CA ILE A 91 -17.19 -6.62 0.01
C ILE A 91 -18.00 -7.68 -0.71
N GLY A 92 -19.12 -7.25 -1.29
CA GLY A 92 -19.99 -8.17 -1.95
C GLY A 92 -20.50 -7.55 -3.21
N LYS A 93 -21.52 -8.18 -3.78
CA LYS A 93 -22.20 -7.72 -5.00
C LYS A 93 -22.43 -6.22 -4.96
N LYS A 94 -23.02 -5.76 -3.87
CA LYS A 94 -23.41 -4.36 -3.73
C LYS A 94 -22.25 -3.41 -4.00
N GLU A 95 -21.09 -3.69 -3.43
CA GLU A 95 -19.96 -2.77 -3.54
C GLU A 95 -19.26 -2.83 -4.91
N LEU A 96 -19.47 -3.93 -5.63
CA LEU A 96 -18.84 -4.17 -6.95
C LEU A 96 -19.68 -3.76 -8.17
N GLU A 97 -20.98 -3.58 -7.93
CA GLU A 97 -21.91 -3.24 -8.98
C GLU A 97 -21.61 -1.84 -9.51
N LYS A 98 -21.02 -0.97 -8.72
CA LYS A 98 -20.54 0.38 -9.21
C LYS A 98 -19.37 0.39 -10.26
N PHE A 99 -18.76 -0.76 -10.51
CA PHE A 99 -17.64 -0.87 -11.44
C PHE A 99 -18.12 -1.51 -12.73
N HIS A 100 -17.51 -1.11 -13.82
CA HIS A 100 -17.85 -1.63 -15.11
C HIS A 100 -16.85 -2.74 -15.30
N LEU A 101 -17.32 -3.97 -15.44
CA LEU A 101 -16.43 -5.14 -15.31
C LEU A 101 -16.66 -6.11 -16.41
N GLU A 102 -17.18 -5.63 -17.55
CA GLU A 102 -17.46 -6.51 -18.67
C GLU A 102 -16.18 -6.97 -19.35
N GLY A 103 -16.11 -8.27 -19.64
CA GLY A 103 -14.99 -8.86 -20.38
C GLY A 103 -13.77 -9.11 -19.51
N VAL A 104 -13.90 -8.92 -18.20
CA VAL A 104 -12.77 -9.07 -17.26
C VAL A 104 -12.65 -10.53 -16.84
N GLU A 105 -11.43 -11.02 -16.84
CA GLU A 105 -11.17 -12.43 -16.52
C GLU A 105 -10.53 -12.54 -15.13
N ARG A 106 -9.85 -11.50 -14.68
CA ARG A 106 -9.09 -11.58 -13.46
C ARG A 106 -9.24 -10.26 -12.79
N LEU A 107 -9.43 -10.26 -11.48
CA LEU A 107 -9.74 -9.04 -10.77
C LEU A 107 -8.94 -8.95 -9.47
N LEU A 108 -8.25 -7.82 -9.27
CA LEU A 108 -7.47 -7.57 -8.05
C LEU A 108 -8.10 -6.45 -7.27
N LEU A 109 -8.29 -6.65 -5.96
CA LEU A 109 -8.95 -5.69 -5.08
C LEU A 109 -8.00 -5.09 -4.08
N ARG A 110 -7.81 -3.77 -4.17
CA ARG A 110 -7.00 -3.05 -3.21
C ARG A 110 -7.85 -2.59 -2.03
N THR A 111 -7.71 -3.25 -0.87
CA THR A 111 -8.42 -2.85 0.38
C THR A 111 -7.62 -1.79 1.11
N SER A 112 -6.30 -1.75 0.86
CA SER A 112 -5.43 -0.82 1.58
C SER A 112 -5.67 -0.88 3.09
N SER A 113 -6.04 -2.07 3.54
CA SER A 113 -6.43 -2.31 4.90
C SER A 113 -5.23 -2.52 5.86
N HIS A 114 -4.14 -3.08 5.36
CA HIS A 114 -3.05 -3.57 6.20
C HIS A 114 -1.71 -3.14 5.63
N GLY A 115 -1.18 -3.89 4.65
CA GLY A 115 0.04 -3.47 3.96
C GLY A 115 1.33 -3.47 4.78
N LYS A 116 1.33 -4.29 5.84
CA LYS A 116 2.53 -4.51 6.66
C LYS A 116 2.81 -6.00 6.62
N ALA A 117 3.71 -6.39 5.72
CA ALA A 117 3.99 -7.79 5.50
C ALA A 117 4.56 -8.50 6.78
N ASN A 118 5.18 -7.74 7.67
CA ASN A 118 5.86 -8.27 8.86
C ASN A 118 4.94 -8.47 10.05
N GLU A 119 3.68 -8.04 9.97
CA GLU A 119 2.75 -8.19 11.08
C GLU A 119 1.54 -8.97 10.56
N PHE A 120 1.01 -9.88 11.36
CA PHE A 120 -0.24 -10.50 10.99
C PHE A 120 -1.39 -9.63 11.52
N PRO A 121 -2.34 -9.26 10.66
CA PRO A 121 -3.44 -8.38 11.11
C PRO A 121 -4.41 -9.00 12.16
N ASP A 122 -5.07 -8.14 12.93
CA ASP A 122 -6.12 -8.54 13.91
C ASP A 122 -7.47 -8.70 13.22
N ILE A 123 -7.72 -7.84 12.22
CA ILE A 123 -8.98 -7.82 11.47
C ILE A 123 -8.75 -7.40 10.02
N ILE A 124 -9.43 -8.06 9.09
CA ILE A 124 -9.40 -7.66 7.67
C ILE A 124 -10.80 -7.50 7.12
N PRO A 125 -10.95 -6.82 5.96
CA PRO A 125 -12.17 -6.86 5.19
C PRO A 125 -12.32 -8.20 4.49
N HIS A 126 -13.49 -8.80 4.54
CA HIS A 126 -13.65 -10.08 3.89
C HIS A 126 -14.66 -9.95 2.75
N LEU A 127 -14.73 -10.99 1.91
CA LEU A 127 -15.67 -11.09 0.82
C LEU A 127 -16.90 -11.86 1.23
N ARG A 128 -18.07 -11.34 0.86
CA ARG A 128 -19.31 -12.01 1.13
C ARG A 128 -19.55 -12.99 0.02
N ALA A 129 -20.34 -13.98 0.31
CA ALA A 129 -20.52 -15.15 -0.56
C ALA A 129 -21.32 -14.86 -1.83
N ASP A 130 -22.17 -13.83 -1.80
CA ASP A 130 -22.93 -13.39 -3.01
C ASP A 130 -22.01 -12.86 -4.09
N ILE A 131 -20.78 -12.52 -3.74
CA ILE A 131 -19.83 -12.06 -4.75
C ILE A 131 -19.54 -13.12 -5.86
N ALA A 132 -19.54 -14.38 -5.48
CA ALA A 132 -19.20 -15.49 -6.39
C ALA A 132 -20.11 -15.68 -7.60
N PRO A 133 -21.41 -15.85 -7.39
CA PRO A 133 -22.26 -15.92 -8.57
C PRO A 133 -22.08 -14.69 -9.46
N PHE A 134 -22.02 -13.50 -8.82
CA PHE A 134 -21.88 -12.23 -9.50
C PHE A 134 -20.65 -12.20 -10.41
N LEU A 135 -19.50 -12.49 -9.85
CA LEU A 135 -18.26 -12.53 -10.67
C LEU A 135 -18.25 -13.67 -11.66
N SER A 136 -18.77 -14.80 -11.23
CA SER A 136 -18.84 -15.96 -12.11
C SER A 136 -19.55 -15.57 -13.39
N GLU A 137 -20.74 -15.02 -13.24
CA GLU A 137 -21.59 -14.70 -14.39
C GLU A 137 -20.82 -13.82 -15.36
N LYS A 138 -20.03 -12.87 -14.85
CA LYS A 138 -19.25 -11.97 -15.74
C LYS A 138 -18.07 -12.60 -16.45
N GLY A 139 -17.70 -13.85 -16.09
CA GLY A 139 -16.55 -14.56 -16.71
C GLY A 139 -15.23 -14.52 -15.95
N ILE A 140 -15.29 -14.05 -14.69
CA ILE A 140 -14.10 -13.90 -13.87
C ILE A 140 -13.64 -15.28 -13.29
N ARG A 141 -12.40 -15.63 -13.55
CA ARG A 141 -11.79 -16.89 -13.15
C ARG A 141 -10.82 -16.75 -11.96
N LEU A 142 -10.41 -15.52 -11.63
CA LEU A 142 -9.45 -15.33 -10.57
C LEU A 142 -9.74 -14.05 -9.86
N ILE A 143 -9.66 -14.12 -8.53
CA ILE A 143 -9.79 -12.97 -7.70
C ILE A 143 -8.57 -12.88 -6.78
N GLY A 144 -8.10 -11.65 -6.58
CA GLY A 144 -6.95 -11.38 -5.76
C GLY A 144 -7.21 -10.29 -4.79
N VAL A 145 -6.65 -10.38 -3.59
CA VAL A 145 -6.80 -9.41 -2.54
C VAL A 145 -5.53 -9.08 -1.88
N ASP A 146 -5.43 -7.89 -1.33
CA ASP A 146 -4.16 -7.47 -0.70
C ASP A 146 -4.08 -7.81 0.81
N VAL A 147 -4.75 -8.88 1.18
CA VAL A 147 -4.81 -9.37 2.61
C VAL A 147 -4.69 -10.88 2.64
N PRO A 148 -4.44 -11.47 3.80
CA PRO A 148 -4.12 -12.90 3.86
C PRO A 148 -5.23 -13.88 3.57
N SER A 149 -6.46 -13.38 3.56
CA SER A 149 -7.61 -14.29 3.37
C SER A 149 -8.79 -13.61 2.69
N VAL A 150 -9.61 -14.40 2.03
CA VAL A 150 -10.91 -13.95 1.57
C VAL A 150 -12.05 -14.15 2.59
N ASP A 151 -11.82 -14.90 3.66
CA ASP A 151 -12.80 -15.01 4.74
C ASP A 151 -12.26 -14.36 5.99
N PRO A 152 -13.12 -14.10 6.98
CA PRO A 152 -12.61 -13.44 8.19
C PRO A 152 -11.59 -14.35 8.90
N LEU A 153 -10.67 -13.70 9.61
CA LEU A 153 -9.52 -14.39 10.23
C LEU A 153 -9.84 -15.59 11.14
N ASP A 154 -11.02 -15.57 11.76
CA ASP A 154 -11.46 -16.59 12.74
C ASP A 154 -12.63 -17.49 12.26
N ASP A 155 -13.06 -17.31 11.03
CA ASP A 155 -14.14 -18.07 10.46
C ASP A 155 -13.64 -19.46 10.13
N LYS A 156 -14.40 -20.46 10.56
CA LYS A 156 -14.14 -21.86 10.23
C LYS A 156 -14.98 -22.42 9.13
N GLU A 157 -16.04 -21.74 8.72
CA GLU A 157 -16.86 -22.27 7.63
C GLU A 157 -16.23 -22.02 6.27
N LEU A 158 -15.49 -20.92 6.20
CA LEU A 158 -14.82 -20.47 4.97
C LEU A 158 -15.76 -20.40 3.79
N ALA A 159 -16.81 -19.64 3.98
CA ALA A 159 -17.87 -19.51 2.98
C ALA A 159 -17.32 -19.03 1.69
N ALA A 160 -16.56 -17.95 1.75
CA ALA A 160 -15.99 -17.28 0.56
C ALA A 160 -15.10 -18.20 -0.25
N HIS A 161 -14.18 -18.91 0.41
CA HIS A 161 -13.35 -19.90 -0.25
C HIS A 161 -14.20 -20.90 -1.01
N HIS A 162 -15.14 -21.49 -0.32
CA HIS A 162 -15.95 -22.57 -0.89
C HIS A 162 -16.77 -22.13 -2.09
N GLN A 163 -17.33 -20.95 -1.99
CA GLN A 163 -18.25 -20.40 -2.98
C GLN A 163 -17.48 -19.95 -4.18
N LEU A 164 -16.36 -19.25 -3.94
CA LEU A 164 -15.50 -18.88 -5.07
C LEU A 164 -15.15 -20.10 -5.87
N PHE A 165 -14.63 -21.14 -5.24
CA PHE A 165 -14.20 -22.30 -6.06
C PHE A 165 -15.40 -23.09 -6.65
N LYS A 166 -16.55 -23.10 -5.99
CA LYS A 166 -17.72 -23.73 -6.56
C LYS A 166 -18.17 -23.05 -7.86
N HIS A 167 -17.90 -21.76 -7.98
CA HIS A 167 -18.10 -21.04 -9.23
C HIS A 167 -16.84 -20.86 -10.08
N SER A 168 -15.83 -21.68 -9.85
CA SER A 168 -14.66 -21.77 -10.69
C SER A 168 -13.83 -20.52 -10.64
N ILE A 169 -13.93 -19.78 -9.55
CA ILE A 169 -13.02 -18.63 -9.32
C ILE A 169 -11.85 -19.02 -8.36
N HIS A 170 -10.61 -18.83 -8.87
CA HIS A 170 -9.38 -19.19 -8.20
C HIS A 170 -9.00 -18.05 -7.31
N ILE A 171 -8.05 -18.31 -6.37
CA ILE A 171 -7.80 -17.37 -5.30
C ILE A 171 -6.34 -16.99 -5.14
N LEU A 172 -6.09 -15.69 -4.94
CA LEU A 172 -4.73 -15.14 -4.80
C LEU A 172 -4.77 -14.19 -3.65
N GLU A 173 -3.86 -14.36 -2.70
CA GLU A 173 -3.85 -13.60 -1.46
C GLU A 173 -2.47 -12.94 -1.24
N ASN A 174 -2.50 -11.85 -0.52
CA ASN A 174 -1.36 -11.06 -0.09
C ASN A 174 -0.61 -10.35 -1.19
N VAL A 175 -1.33 -9.84 -2.22
CA VAL A 175 -0.68 -9.04 -3.26
C VAL A 175 -0.46 -7.67 -2.67
N VAL A 176 0.57 -6.99 -3.14
CA VAL A 176 0.94 -5.64 -2.61
C VAL A 176 0.56 -4.63 -3.67
N LEU A 177 -0.51 -3.84 -3.41
CA LEU A 177 -1.06 -2.95 -4.45
C LEU A 177 -0.92 -1.45 -4.14
N ASP A 178 -0.25 -1.04 -3.09
CA ASP A 178 -0.37 0.43 -2.76
C ASP A 178 0.43 1.35 -3.74
N HIS A 179 1.35 0.77 -4.53
CA HIS A 179 2.23 1.56 -5.40
C HIS A 179 1.79 1.49 -6.88
N VAL A 180 0.64 0.91 -7.11
CA VAL A 180 0.09 0.73 -8.41
C VAL A 180 -1.32 1.39 -8.52
N ALA A 181 -1.59 1.98 -9.69
CA ALA A 181 -2.86 2.61 -10.02
C ALA A 181 -3.93 1.63 -10.50
N ASP A 182 -5.19 1.97 -10.27
CA ASP A 182 -6.27 1.19 -10.73
C ASP A 182 -6.13 1.06 -12.27
N GLY A 183 -6.76 0.06 -12.84
CA GLY A 183 -6.85 -0.03 -14.28
C GLY A 183 -6.49 -1.42 -14.80
N ASP A 184 -6.18 -1.50 -16.08
CA ASP A 184 -5.84 -2.73 -16.79
C ASP A 184 -4.36 -3.04 -16.96
N TYR A 185 -4.03 -4.29 -16.69
CA TYR A 185 -2.67 -4.81 -16.68
C TYR A 185 -2.66 -6.22 -17.23
N GLU A 186 -1.48 -6.69 -17.58
CA GLU A 186 -1.27 -8.10 -17.72
C GLU A 186 -0.79 -8.59 -16.36
N LEU A 187 -1.33 -9.72 -15.90
CA LEU A 187 -0.87 -10.34 -14.67
C LEU A 187 -0.15 -11.63 -14.83
N ILE A 188 0.83 -11.85 -13.97
CA ILE A 188 1.47 -13.17 -13.83
C ILE A 188 1.59 -13.53 -12.39
N ALA A 189 1.08 -14.69 -12.05
CA ALA A 189 1.12 -15.19 -10.68
C ALA A 189 1.04 -16.73 -10.69
N LEU A 190 2.11 -17.42 -11.15
CA LEU A 190 2.02 -18.84 -11.37
C LEU A 190 2.43 -19.64 -10.14
N PRO A 191 1.67 -20.65 -9.77
CA PRO A 191 2.12 -21.48 -8.67
C PRO A 191 3.23 -22.39 -9.16
N LEU A 192 4.03 -22.85 -8.17
CA LEU A 192 5.04 -23.84 -8.37
C LEU A 192 4.35 -25.14 -8.66
N ALA A 193 5.08 -26.05 -9.28
CA ALA A 193 4.48 -27.28 -9.79
C ALA A 193 4.37 -28.27 -8.71
N LEU A 194 3.61 -27.99 -7.67
CA LEU A 194 3.58 -28.89 -6.53
C LEU A 194 2.54 -29.97 -6.65
N SER A 195 2.96 -31.23 -6.83
CA SER A 195 2.04 -32.33 -7.05
C SER A 195 0.96 -32.51 -5.96
N ASP A 196 1.33 -32.36 -4.69
CA ASP A 196 0.43 -32.75 -3.58
C ASP A 196 -0.04 -31.60 -2.69
N ALA A 197 0.25 -30.37 -3.05
CA ALA A 197 0.03 -29.23 -2.13
C ALA A 197 -1.31 -28.48 -2.14
N ASP A 198 -1.55 -27.80 -1.03
CA ASP A 198 -2.78 -27.08 -0.75
C ASP A 198 -2.72 -25.60 -1.20
N GLY A 199 -1.64 -25.23 -1.88
CA GLY A 199 -1.43 -23.89 -2.34
C GLY A 199 0.01 -23.74 -2.79
N SER A 200 0.41 -22.55 -3.23
CA SER A 200 1.80 -22.29 -3.53
C SER A 200 2.15 -20.84 -3.42
N PRO A 201 3.31 -20.50 -2.89
CA PRO A 201 3.71 -19.11 -3.05
C PRO A 201 4.00 -18.86 -4.53
N VAL A 202 3.88 -17.60 -4.91
CA VAL A 202 4.05 -17.15 -6.26
C VAL A 202 4.84 -15.86 -6.27
N ARG A 203 5.42 -15.53 -7.40
CA ARG A 203 5.83 -14.18 -7.67
C ARG A 203 4.77 -13.57 -8.55
N ALA A 204 3.98 -12.68 -7.96
CA ALA A 204 2.99 -11.93 -8.66
C ALA A 204 3.63 -10.67 -9.25
N VAL A 205 3.46 -10.48 -10.56
CA VAL A 205 3.90 -9.21 -11.17
C VAL A 205 2.87 -8.74 -12.17
N ILE A 206 2.91 -7.46 -12.48
CA ILE A 206 1.97 -6.88 -13.49
C ILE A 206 2.65 -5.92 -14.39
N ARG A 207 2.12 -5.76 -15.57
CA ARG A 207 2.57 -4.79 -16.58
C ARG A 207 1.38 -4.01 -17.16
N PRO A 208 1.44 -2.67 -17.17
CA PRO A 208 0.34 -1.83 -17.66
C PRO A 208 0.02 -2.11 -19.11
N ILE A 209 -1.24 -2.31 -19.45
CA ILE A 209 -1.64 -2.53 -20.84
C ILE A 209 -1.48 -1.21 -21.64
N SER B 4 -3.32 -18.52 -27.98
CA SER B 4 -2.29 -19.62 -27.94
C SER B 4 -1.88 -19.98 -26.50
N LYS B 5 -1.96 -21.27 -26.15
CA LYS B 5 -1.79 -21.73 -24.77
C LYS B 5 -0.36 -21.67 -24.22
N TRP B 6 -0.25 -21.39 -22.95
CA TRP B 6 1.01 -21.56 -22.22
C TRP B 6 1.29 -23.01 -22.00
N ILE B 7 2.56 -23.37 -22.08
CA ILE B 7 3.01 -24.75 -21.93
C ILE B 7 3.92 -24.82 -20.70
N ASP B 8 3.66 -25.80 -19.81
CA ASP B 8 4.50 -26.03 -18.59
C ASP B 8 5.79 -26.74 -18.96
N ILE B 9 6.91 -26.14 -18.58
CA ILE B 9 8.24 -26.75 -18.84
C ILE B 9 8.99 -26.86 -17.50
N SER B 10 8.21 -27.04 -16.42
CA SER B 10 8.71 -27.27 -15.08
C SER B 10 8.68 -28.72 -14.67
N GLN B 11 9.68 -29.15 -13.91
CA GLN B 11 9.59 -30.48 -13.26
C GLN B 11 8.60 -30.51 -12.11
N PRO B 12 7.71 -31.52 -12.08
CA PRO B 12 6.85 -31.71 -10.88
C PRO B 12 7.64 -31.80 -9.55
N LEU B 13 7.19 -31.08 -8.51
CA LEU B 13 7.80 -31.12 -7.21
C LEU B 13 6.99 -31.94 -6.27
N ASN B 14 7.57 -33.06 -5.83
CA ASN B 14 7.02 -33.95 -4.78
C ASN B 14 8.17 -34.69 -4.08
N ASN B 15 7.83 -35.49 -3.07
CA ASN B 15 8.84 -36.16 -2.24
C ASN B 15 9.66 -37.22 -2.99
N ASP B 16 9.30 -37.62 -4.20
CA ASP B 16 10.18 -38.47 -5.03
C ASP B 16 11.21 -37.74 -5.93
N ILE B 17 11.20 -36.41 -5.95
CA ILE B 17 12.12 -35.71 -6.83
C ILE B 17 13.55 -35.94 -6.40
N ALA B 18 14.48 -35.96 -7.34
CA ALA B 18 15.94 -36.05 -7.00
C ALA B 18 16.47 -34.73 -6.51
N THR B 19 17.49 -34.80 -5.70
CA THR B 19 18.24 -33.60 -5.27
C THR B 19 19.72 -33.82 -5.57
N TRP B 20 20.51 -32.77 -5.47
CA TRP B 20 21.95 -32.87 -5.38
C TRP B 20 22.30 -33.72 -4.20
N PRO B 21 23.29 -34.61 -4.36
CA PRO B 21 23.88 -35.29 -3.18
C PRO B 21 24.28 -34.28 -2.11
N GLY B 22 23.96 -34.55 -0.87
CA GLY B 22 24.26 -33.58 0.18
C GLY B 22 23.37 -32.33 0.28
N ASP B 23 22.40 -32.17 -0.61
CA ASP B 23 21.33 -31.14 -0.40
C ASP B 23 20.19 -31.73 0.39
N THR B 24 19.47 -30.87 1.14
CA THR B 24 18.18 -31.21 1.80
C THR B 24 17.23 -31.95 0.84
N PRO B 25 16.74 -33.14 1.23
CA PRO B 25 15.68 -33.76 0.44
C PRO B 25 14.40 -32.89 0.41
N PHE B 26 13.65 -32.98 -0.67
CA PHE B 26 12.39 -32.24 -0.79
C PHE B 26 11.40 -32.83 0.21
N SER B 27 10.75 -31.95 0.96
CA SER B 27 9.61 -32.37 1.74
C SER B 27 8.42 -31.41 1.60
N TYR B 28 7.31 -31.96 1.09
CA TYR B 28 6.00 -31.38 1.33
C TYR B 28 5.23 -32.30 2.27
N GLU B 29 4.70 -31.73 3.36
CA GLU B 29 3.82 -32.50 4.22
C GLU B 29 2.68 -31.61 4.69
N VAL B 30 1.52 -32.23 4.95
CA VAL B 30 0.37 -31.51 5.53
C VAL B 30 0.65 -31.41 7.04
N LEU B 31 0.90 -30.20 7.54
CA LEU B 31 1.15 -29.96 8.93
C LEU B 31 -0.13 -30.13 9.77
N TRP B 32 -1.17 -29.44 9.34
CA TRP B 32 -2.46 -29.46 10.02
C TRP B 32 -3.49 -29.91 9.03
N SER B 33 -4.09 -31.07 9.22
CA SER B 33 -5.14 -31.55 8.33
C SER B 33 -6.47 -30.89 8.70
N LYS B 34 -7.48 -31.10 7.85
CA LYS B 34 -8.76 -30.49 8.02
C LYS B 34 -9.51 -31.10 9.23
N GLU B 35 -9.38 -32.40 9.42
CA GLU B 35 -9.86 -33.06 10.66
C GLU B 35 -9.28 -32.36 11.87
N GLU B 36 -7.97 -32.14 11.85
CA GLU B 36 -7.26 -31.52 12.98
C GLU B 36 -7.48 -30.05 13.19
N SER B 37 -7.53 -29.25 12.12
CA SER B 37 -7.71 -27.78 12.28
C SER B 37 -9.15 -27.34 12.40
N GLY B 38 -10.06 -28.23 11.99
CA GLY B 38 -11.49 -27.89 11.88
C GLY B 38 -11.89 -27.10 10.62
N SER B 39 -10.96 -26.82 9.71
CA SER B 39 -11.33 -25.98 8.54
C SER B 39 -10.48 -26.22 7.30
N VAL B 40 -9.16 -26.34 7.46
CA VAL B 40 -8.24 -26.27 6.33
C VAL B 40 -7.10 -27.29 6.41
N ASN B 41 -6.68 -27.76 5.24
CA ASN B 41 -5.43 -28.48 5.12
C ASN B 41 -4.36 -27.45 4.92
N VAL B 42 -3.38 -27.39 5.84
CA VAL B 42 -2.27 -26.44 5.75
C VAL B 42 -0.88 -27.16 5.56
N GLY B 43 -0.14 -26.74 4.56
CA GLY B 43 1.08 -27.44 4.16
C GLY B 43 2.38 -26.81 4.69
N LYS B 44 3.41 -27.65 4.81
CA LYS B 44 4.75 -27.21 5.10
C LYS B 44 5.68 -27.70 4.05
N LEU B 45 6.52 -26.76 3.64
CA LEU B 45 7.46 -26.96 2.59
C LEU B 45 8.92 -26.81 3.11
N THR B 46 9.72 -27.85 2.85
CA THR B 46 11.12 -27.87 3.20
C THR B 46 11.87 -28.34 1.98
N MET B 47 12.87 -27.58 1.58
CA MET B 47 13.60 -27.96 0.37
C MET B 47 14.90 -27.20 0.26
N SER B 48 15.75 -27.79 -0.57
CA SER B 48 16.79 -27.05 -1.19
C SER B 48 16.26 -26.17 -2.34
N ILE B 49 16.77 -24.98 -2.33
CA ILE B 49 16.57 -24.05 -3.38
C ILE B 49 16.81 -24.69 -4.72
N HIS B 50 17.81 -25.55 -4.84
CA HIS B 50 18.20 -26.02 -6.18
C HIS B 50 17.51 -27.31 -6.61
N THR B 51 16.23 -27.38 -6.42
CA THR B 51 15.48 -28.62 -6.60
C THR B 51 14.46 -28.39 -7.66
N GLY B 52 14.29 -29.35 -8.57
CA GLY B 52 13.44 -29.12 -9.76
C GLY B 52 13.87 -27.95 -10.60
N THR B 53 12.92 -27.35 -11.29
CA THR B 53 13.19 -26.16 -12.13
C THR B 53 13.45 -24.90 -11.28
N HIS B 54 14.57 -24.23 -11.50
CA HIS B 54 14.92 -23.16 -10.62
C HIS B 54 15.91 -22.25 -11.22
N ILE B 55 16.07 -21.08 -10.62
CA ILE B 55 17.12 -20.15 -11.00
C ILE B 55 18.17 -19.98 -9.89
N ASP B 56 19.44 -19.77 -10.29
CA ASP B 56 20.55 -19.45 -9.35
C ASP B 56 20.71 -17.98 -9.21
N ALA B 57 21.07 -17.54 -8.04
CA ALA B 57 21.52 -16.17 -7.84
C ALA B 57 23.01 -16.22 -7.68
N PRO B 58 23.69 -15.09 -7.89
CA PRO B 58 25.13 -15.08 -7.71
C PRO B 58 25.61 -15.51 -6.32
N PHE B 59 24.82 -15.25 -5.28
CA PHE B 59 25.24 -15.55 -3.93
C PHE B 59 25.47 -17.04 -3.71
N HIS B 60 24.89 -17.84 -4.58
CA HIS B 60 25.09 -19.28 -4.53
C HIS B 60 26.54 -19.69 -4.65
N PHE B 61 27.29 -19.02 -5.50
CA PHE B 61 28.70 -19.34 -5.76
C PHE B 61 29.66 -18.19 -5.43
N ASP B 62 29.16 -17.07 -4.91
CA ASP B 62 29.98 -15.91 -4.60
C ASP B 62 29.43 -15.23 -3.38
N ASN B 63 30.25 -15.11 -2.34
CA ASN B 63 29.79 -14.55 -1.09
C ASN B 63 29.34 -13.12 -1.19
N ASP B 64 29.84 -12.38 -2.15
CA ASP B 64 29.41 -10.99 -2.32
C ASP B 64 28.39 -10.79 -3.45
N GLY B 65 27.92 -11.91 -3.99
CA GLY B 65 26.97 -11.91 -5.05
C GLY B 65 25.60 -11.48 -4.55
N LYS B 66 24.80 -11.04 -5.49
CA LYS B 66 23.45 -10.64 -5.24
C LYS B 66 22.62 -11.81 -4.78
N LYS B 67 21.69 -11.48 -3.87
CA LYS B 67 20.62 -12.39 -3.46
C LYS B 67 19.45 -12.31 -4.44
N VAL B 68 18.52 -13.26 -4.33
CA VAL B 68 17.46 -13.43 -5.33
C VAL B 68 16.63 -12.20 -5.51
N LEU B 69 16.35 -11.46 -4.44
CA LEU B 69 15.49 -10.29 -4.54
C LEU B 69 16.18 -9.08 -5.17
N ASP B 70 17.50 -9.09 -5.20
CA ASP B 70 18.26 -8.02 -5.87
C ASP B 70 18.27 -8.23 -7.38
N LEU B 71 17.78 -9.36 -7.86
CA LEU B 71 17.76 -9.67 -9.29
C LEU B 71 16.64 -8.93 -10.05
N ASP B 72 16.93 -8.57 -11.29
CA ASP B 72 15.99 -7.85 -12.20
C ASP B 72 14.95 -8.80 -12.82
N ILE B 73 13.69 -8.56 -12.47
CA ILE B 73 12.60 -9.44 -12.88
C ILE B 73 12.39 -9.38 -14.37
N GLN B 74 12.75 -8.29 -14.98
CA GLN B 74 12.57 -8.12 -16.47
C GLN B 74 13.34 -9.23 -17.23
N VAL B 75 14.39 -9.77 -16.62
CA VAL B 75 15.24 -10.76 -17.28
C VAL B 75 14.50 -12.10 -17.42
N TYR B 76 13.59 -12.40 -16.46
CA TYR B 76 12.94 -13.70 -16.43
C TYR B 76 11.60 -13.75 -17.15
N VAL B 77 11.26 -12.69 -17.85
CA VAL B 77 10.03 -12.66 -18.63
C VAL B 77 10.23 -12.03 -19.98
N GLY B 78 9.81 -12.71 -21.06
CA GLY B 78 9.98 -12.14 -22.37
C GLY B 78 10.35 -13.18 -23.43
N PRO B 79 10.51 -12.72 -24.67
CA PRO B 79 10.92 -13.56 -25.81
C PRO B 79 12.10 -14.42 -25.53
N THR B 80 12.01 -15.67 -25.93
CA THR B 80 13.11 -16.62 -25.78
C THR B 80 13.19 -17.45 -27.03
N ARG B 81 14.38 -17.91 -27.35
CA ARG B 81 14.60 -18.87 -28.42
C ARG B 81 15.04 -20.22 -27.84
N ILE B 82 14.49 -21.30 -28.37
CA ILE B 82 14.83 -22.64 -27.97
C ILE B 82 15.56 -23.36 -29.10
N ILE B 83 16.71 -23.95 -28.78
CA ILE B 83 17.55 -24.68 -29.74
C ILE B 83 17.94 -26.10 -29.25
N ASP B 84 18.22 -26.99 -30.20
CA ASP B 84 18.67 -28.35 -29.93
C ASP B 84 20.16 -28.47 -30.01
N VAL B 85 20.77 -28.88 -28.91
CA VAL B 85 22.20 -29.13 -28.77
C VAL B 85 22.43 -30.52 -28.18
N SER B 86 21.64 -31.49 -28.60
CA SER B 86 21.80 -32.87 -28.17
C SER B 86 23.06 -33.55 -28.75
N ASN B 87 23.43 -34.68 -28.16
CA ASN B 87 24.65 -35.41 -28.54
C ASN B 87 25.91 -34.56 -28.57
N LEU B 88 26.09 -33.72 -27.57
CA LEU B 88 27.31 -32.97 -27.41
C LEU B 88 27.77 -33.16 -25.97
N GLU B 89 29.02 -33.55 -25.80
CA GLU B 89 29.60 -33.68 -24.45
C GLU B 89 29.68 -32.32 -23.76
N SER B 90 30.02 -31.29 -24.52
CA SER B 90 30.11 -29.97 -23.96
C SER B 90 29.73 -28.98 -25.05
N ILE B 91 29.36 -27.77 -24.62
CA ILE B 91 28.76 -26.77 -25.49
C ILE B 91 29.42 -25.41 -25.30
N GLY B 92 30.01 -24.91 -26.37
CA GLY B 92 30.71 -23.64 -26.31
C GLY B 92 30.44 -22.84 -27.57
N LYS B 93 31.22 -21.79 -27.75
CA LYS B 93 31.17 -20.90 -28.91
C LYS B 93 31.04 -21.68 -30.20
N LYS B 94 31.91 -22.65 -30.38
CA LYS B 94 31.94 -23.43 -31.60
C LYS B 94 30.59 -24.02 -31.97
N GLU B 95 29.92 -24.62 -31.01
CA GLU B 95 28.67 -25.33 -31.30
C GLU B 95 27.52 -24.37 -31.54
N LEU B 96 27.61 -23.15 -31.01
CA LEU B 96 26.53 -22.16 -31.06
C LEU B 96 26.60 -21.19 -32.22
N GLU B 97 27.78 -21.07 -32.83
CA GLU B 97 27.93 -20.15 -33.97
C GLU B 97 27.09 -20.60 -35.15
N LYS B 98 26.78 -21.88 -35.26
CA LYS B 98 25.91 -22.39 -36.34
C LYS B 98 24.40 -21.93 -36.28
N PHE B 99 24.00 -21.31 -35.18
CA PHE B 99 22.60 -20.92 -34.98
C PHE B 99 22.42 -19.44 -35.24
N HIS B 100 21.19 -19.10 -35.59
CA HIS B 100 20.78 -17.74 -35.80
C HIS B 100 20.35 -17.19 -34.48
N LEU B 101 21.06 -16.18 -33.99
CA LEU B 101 20.86 -15.73 -32.65
C LEU B 101 20.80 -14.25 -32.48
N GLU B 102 20.55 -13.53 -33.57
CA GLU B 102 20.61 -12.07 -33.58
C GLU B 102 19.47 -11.50 -32.74
N GLY B 103 19.81 -10.57 -31.86
CA GLY B 103 18.83 -9.90 -31.03
C GLY B 103 18.12 -10.78 -30.00
N VAL B 104 18.62 -11.99 -29.75
CA VAL B 104 17.98 -12.91 -28.81
C VAL B 104 18.41 -12.46 -27.41
N GLU B 105 17.45 -12.47 -26.47
CA GLU B 105 17.64 -12.02 -25.12
C GLU B 105 17.67 -13.21 -24.18
N ARG B 106 16.98 -14.30 -24.51
CA ARG B 106 16.91 -15.44 -23.59
C ARG B 106 16.97 -16.70 -24.37
N LEU B 107 17.79 -17.67 -23.94
CA LEU B 107 18.12 -18.82 -24.79
C LEU B 107 17.99 -20.07 -24.00
N LEU B 108 17.23 -21.02 -24.49
CA LEU B 108 17.08 -22.29 -23.82
C LEU B 108 17.69 -23.39 -24.65
N LEU B 109 18.49 -24.26 -24.03
CA LEU B 109 19.17 -25.34 -24.69
C LEU B 109 18.63 -26.69 -24.32
N ARG B 110 18.15 -27.41 -25.32
CA ARG B 110 17.74 -28.81 -25.14
C ARG B 110 18.92 -29.76 -25.40
N THR B 111 19.45 -30.33 -24.33
CA THR B 111 20.46 -31.38 -24.42
C THR B 111 19.85 -32.76 -24.62
N SER B 112 18.61 -32.93 -24.15
CA SER B 112 17.93 -34.23 -24.21
C SER B 112 18.78 -35.31 -23.59
N SER B 113 19.57 -34.90 -22.62
CA SER B 113 20.57 -35.76 -22.02
C SER B 113 20.00 -36.67 -20.93
N HIS B 114 18.97 -36.20 -20.21
CA HIS B 114 18.52 -36.86 -18.99
C HIS B 114 17.00 -36.97 -18.96
N GLY B 115 16.31 -35.93 -18.50
CA GLY B 115 14.84 -35.92 -18.52
C GLY B 115 14.12 -36.89 -17.57
N LYS B 116 14.78 -37.25 -16.47
CA LYS B 116 14.18 -38.09 -15.44
C LYS B 116 14.31 -37.29 -14.17
N ALA B 117 13.21 -36.63 -13.80
CA ALA B 117 13.19 -35.71 -12.66
C ALA B 117 13.44 -36.43 -11.31
N ASN B 118 13.10 -37.72 -11.24
CA ASN B 118 13.23 -38.52 -10.00
C ASN B 118 14.61 -39.19 -9.81
N GLU B 119 15.52 -39.08 -10.78
CA GLU B 119 16.89 -39.60 -10.62
C GLU B 119 17.92 -38.49 -10.79
N PHE B 120 18.97 -38.48 -9.96
CA PHE B 120 20.05 -37.51 -10.20
C PHE B 120 21.02 -38.14 -11.20
N PRO B 121 21.36 -37.44 -12.29
CA PRO B 121 22.25 -38.03 -13.30
C PRO B 121 23.67 -38.30 -12.81
N ASP B 122 24.35 -39.24 -13.48
CA ASP B 122 25.78 -39.53 -13.24
C ASP B 122 26.70 -38.56 -14.02
N ILE B 123 26.25 -38.16 -15.22
CA ILE B 123 27.00 -37.28 -16.10
C ILE B 123 26.04 -36.42 -16.94
N ILE B 124 26.42 -35.15 -17.14
CA ILE B 124 25.68 -34.23 -18.02
C ILE B 124 26.62 -33.49 -18.98
N PRO B 125 26.06 -32.94 -20.07
CA PRO B 125 26.78 -31.98 -20.93
C PRO B 125 26.93 -30.64 -20.25
N HIS B 126 28.10 -30.04 -20.26
CA HIS B 126 28.26 -28.80 -19.55
C HIS B 126 28.58 -27.71 -20.56
N LEU B 127 28.53 -26.46 -20.11
CA LEU B 127 28.93 -25.28 -20.90
C LEU B 127 30.40 -24.90 -20.67
N ARG B 128 31.13 -24.69 -21.76
CA ARG B 128 32.49 -24.20 -21.68
C ARG B 128 32.48 -22.70 -21.49
N ALA B 129 33.55 -22.19 -20.93
CA ALA B 129 33.58 -20.81 -20.37
C ALA B 129 33.67 -19.73 -21.46
N ASP B 130 34.13 -20.11 -22.67
CA ASP B 130 34.10 -19.22 -23.84
C ASP B 130 32.66 -18.87 -24.30
N ILE B 131 31.67 -19.65 -23.88
CA ILE B 131 30.29 -19.35 -24.25
C ILE B 131 29.80 -17.97 -23.73
N ALA B 132 30.29 -17.57 -22.57
CA ALA B 132 29.87 -16.32 -21.96
C ALA B 132 30.17 -15.05 -22.75
N PRO B 133 31.44 -14.84 -23.19
CA PRO B 133 31.68 -13.60 -23.93
C PRO B 133 30.89 -13.59 -25.20
N PHE B 134 30.78 -14.75 -25.82
CA PHE B 134 30.01 -14.94 -27.05
C PHE B 134 28.53 -14.56 -26.89
N LEU B 135 27.85 -15.18 -25.93
CA LEU B 135 26.45 -14.83 -25.67
C LEU B 135 26.30 -13.38 -25.17
N SER B 136 27.21 -12.93 -24.33
CA SER B 136 27.17 -11.55 -23.83
C SER B 136 27.17 -10.56 -25.00
N GLU B 137 28.12 -10.74 -25.91
CA GLU B 137 28.24 -9.88 -27.08
C GLU B 137 26.95 -9.78 -27.90
N LYS B 138 26.22 -10.89 -28.05
CA LYS B 138 24.92 -10.89 -28.72
C LYS B 138 23.74 -10.35 -27.96
N GLY B 139 23.86 -10.04 -26.67
CA GLY B 139 22.80 -9.41 -25.90
C GLY B 139 21.99 -10.33 -25.03
N ILE B 140 22.50 -11.56 -24.88
CA ILE B 140 21.82 -12.57 -24.12
C ILE B 140 21.98 -12.41 -22.59
N ARG B 141 20.86 -12.30 -21.90
CA ARG B 141 20.82 -12.04 -20.50
C ARG B 141 20.48 -13.28 -19.73
N LEU B 142 19.96 -14.31 -20.38
CA LEU B 142 19.53 -15.51 -19.65
C LEU B 142 19.75 -16.72 -20.46
N ILE B 143 20.27 -17.75 -19.81
CA ILE B 143 20.52 -19.02 -20.44
C ILE B 143 19.88 -20.08 -19.58
N GLY B 144 19.26 -21.04 -20.24
CA GLY B 144 18.51 -22.11 -19.58
C GLY B 144 18.90 -23.45 -20.17
N VAL B 145 18.98 -24.49 -19.34
CA VAL B 145 19.38 -25.80 -19.76
C VAL B 145 18.45 -26.83 -19.14
N ASP B 146 18.29 -27.94 -19.84
CA ASP B 146 17.41 -28.98 -19.34
C ASP B 146 18.11 -30.02 -18.38
N VAL B 147 19.12 -29.58 -17.67
CA VAL B 147 19.86 -30.40 -16.73
C VAL B 147 20.12 -29.61 -15.48
N PRO B 148 20.58 -30.25 -14.41
CA PRO B 148 20.71 -29.58 -13.09
C PRO B 148 21.80 -28.56 -12.95
N SER B 149 22.72 -28.51 -13.89
CA SER B 149 23.81 -27.56 -13.80
C SER B 149 24.37 -27.09 -15.15
N VAL B 150 24.98 -25.91 -15.15
CA VAL B 150 25.82 -25.52 -16.26
C VAL B 150 27.29 -25.97 -16.17
N ASP B 151 27.74 -26.48 -15.02
CA ASP B 151 29.10 -26.99 -14.88
C ASP B 151 29.02 -28.50 -14.64
N PRO B 152 30.12 -29.22 -14.87
CA PRO B 152 30.08 -30.64 -14.61
C PRO B 152 29.72 -30.94 -13.15
N LEU B 153 29.08 -32.09 -12.95
CA LEU B 153 28.54 -32.48 -11.67
C LEU B 153 29.54 -32.49 -10.48
N ASP B 154 30.81 -32.71 -10.76
CA ASP B 154 31.85 -32.84 -9.71
C ASP B 154 32.79 -31.63 -9.63
N ASP B 155 32.58 -30.63 -10.49
CA ASP B 155 33.45 -29.47 -10.58
C ASP B 155 33.14 -28.56 -9.41
N LYS B 156 34.19 -28.17 -8.68
CA LYS B 156 34.11 -27.23 -7.58
C LYS B 156 34.51 -25.83 -7.92
N GLU B 157 35.09 -25.59 -9.07
CA GLU B 157 35.46 -24.24 -9.43
C GLU B 157 34.26 -23.45 -9.92
N LEU B 158 33.32 -24.18 -10.52
CA LEU B 158 32.14 -23.62 -11.18
C LEU B 158 32.49 -22.51 -12.13
N ALA B 159 33.35 -22.84 -13.10
CA ALA B 159 33.83 -21.86 -14.09
C ALA B 159 32.67 -21.21 -14.82
N ALA B 160 31.77 -22.05 -15.37
CA ALA B 160 30.63 -21.60 -16.17
C ALA B 160 29.76 -20.65 -15.35
N HIS B 161 29.39 -21.04 -14.12
CA HIS B 161 28.58 -20.16 -13.26
C HIS B 161 29.23 -18.80 -13.11
N HIS B 162 30.50 -18.80 -12.71
CA HIS B 162 31.24 -17.56 -12.48
C HIS B 162 31.32 -16.65 -13.71
N GLN B 163 31.59 -17.27 -14.86
CA GLN B 163 31.77 -16.54 -16.12
C GLN B 163 30.45 -16.01 -16.64
N LEU B 164 29.43 -16.87 -16.67
CA LEU B 164 28.12 -16.38 -17.05
C LEU B 164 27.79 -15.11 -16.23
N PHE B 165 27.81 -15.19 -14.91
CA PHE B 165 27.33 -14.02 -14.13
C PHE B 165 28.30 -12.82 -14.21
N LYS B 166 29.60 -13.05 -14.43
CA LYS B 166 30.50 -11.95 -14.76
C LYS B 166 30.12 -11.18 -16.03
N HIS B 167 29.51 -11.86 -16.99
CA HIS B 167 29.01 -11.20 -18.19
C HIS B 167 27.50 -10.92 -18.14
N SER B 168 26.94 -10.89 -16.92
CA SER B 168 25.54 -10.51 -16.71
C SER B 168 24.55 -11.46 -17.32
N ILE B 169 24.96 -12.70 -17.47
CA ILE B 169 24.00 -13.71 -17.93
C ILE B 169 23.50 -14.53 -16.72
N HIS B 170 22.17 -14.55 -16.61
CA HIS B 170 21.48 -15.22 -15.54
C HIS B 170 21.30 -16.68 -15.91
N ILE B 171 21.01 -17.50 -14.90
CA ILE B 171 20.97 -18.94 -15.06
C ILE B 171 19.65 -19.59 -14.61
N LEU B 172 19.11 -20.47 -15.47
CA LEU B 172 17.92 -21.27 -15.21
C LEU B 172 18.25 -22.75 -15.50
N GLU B 173 17.97 -23.64 -14.55
CA GLU B 173 18.33 -25.10 -14.63
C GLU B 173 17.11 -25.97 -14.46
N ASN B 174 17.15 -27.13 -15.09
CA ASN B 174 16.14 -28.19 -15.02
C ASN B 174 14.82 -27.85 -15.65
N VAL B 175 14.86 -27.14 -16.77
CA VAL B 175 13.64 -26.97 -17.57
C VAL B 175 13.38 -28.30 -18.28
N VAL B 176 12.14 -28.57 -18.58
CA VAL B 176 11.72 -29.82 -19.25
C VAL B 176 11.35 -29.46 -20.70
N LEU B 177 12.20 -29.80 -21.66
CA LEU B 177 12.01 -29.41 -23.06
C LEU B 177 11.75 -30.54 -24.05
N ASP B 178 11.51 -31.77 -23.61
CA ASP B 178 11.40 -32.84 -24.65
C ASP B 178 10.06 -32.82 -25.45
N HIS B 179 9.07 -32.12 -24.94
CA HIS B 179 7.72 -32.09 -25.55
C HIS B 179 7.50 -30.79 -26.36
N VAL B 180 8.56 -29.99 -26.53
CA VAL B 180 8.43 -28.72 -27.21
C VAL B 180 9.41 -28.65 -28.39
N ALA B 181 8.98 -27.97 -29.45
CA ALA B 181 9.78 -27.78 -30.64
C ALA B 181 10.71 -26.57 -30.58
N ASP B 182 11.80 -26.64 -31.36
CA ASP B 182 12.70 -25.53 -31.47
C ASP B 182 11.96 -24.32 -31.99
N GLY B 183 12.42 -23.13 -31.62
CA GLY B 183 11.83 -21.89 -32.15
C GLY B 183 11.65 -20.82 -31.15
N ASP B 184 10.82 -19.85 -31.50
CA ASP B 184 10.57 -18.70 -30.64
C ASP B 184 9.30 -18.81 -29.80
N TYR B 185 9.44 -18.34 -28.56
CA TYR B 185 8.37 -18.38 -27.58
C TYR B 185 8.43 -17.16 -26.70
N GLU B 186 7.37 -16.95 -25.95
CA GLU B 186 7.49 -16.09 -24.78
C GLU B 186 7.78 -16.97 -23.58
N LEU B 187 8.71 -16.54 -22.73
CA LEU B 187 9.01 -17.29 -21.50
C LEU B 187 8.61 -16.56 -20.22
N ILE B 188 8.21 -17.34 -19.26
CA ILE B 188 8.08 -16.84 -17.91
C ILE B 188 8.72 -17.83 -16.97
N ALA B 189 9.57 -17.33 -16.09
CA ALA B 189 10.26 -18.14 -15.13
C ALA B 189 10.74 -17.30 -13.99
N LEU B 190 9.83 -16.81 -13.19
CA LEU B 190 10.16 -15.81 -12.16
C LEU B 190 10.52 -16.38 -10.81
N PRO B 191 11.57 -15.84 -10.16
CA PRO B 191 11.91 -16.36 -8.84
C PRO B 191 10.97 -15.73 -7.85
N LEU B 192 10.80 -16.45 -6.74
CA LEU B 192 10.04 -15.98 -5.62
C LEU B 192 10.80 -14.82 -5.01
N ALA B 193 10.09 -13.98 -4.26
CA ALA B 193 10.70 -12.74 -3.80
C ALA B 193 11.59 -13.01 -2.57
N LEU B 194 12.61 -13.84 -2.69
CA LEU B 194 13.36 -14.21 -1.49
C LEU B 194 14.46 -13.21 -1.18
N SER B 195 14.31 -12.42 -0.09
CA SER B 195 15.32 -11.41 0.28
C SER B 195 16.80 -11.91 0.43
N ASP B 196 16.98 -13.05 1.07
CA ASP B 196 18.31 -13.52 1.50
C ASP B 196 18.80 -14.81 0.79
N ALA B 197 18.10 -15.31 -0.23
CA ALA B 197 18.42 -16.62 -0.82
C ALA B 197 19.43 -16.68 -1.99
N ASP B 198 19.97 -17.86 -2.16
CA ASP B 198 20.99 -18.20 -3.18
C ASP B 198 20.36 -18.70 -4.52
N GLY B 199 19.04 -18.62 -4.63
CA GLY B 199 18.34 -19.07 -5.85
C GLY B 199 16.88 -19.19 -5.53
N SER B 200 16.07 -19.64 -6.48
CA SER B 200 14.66 -19.89 -6.20
C SER B 200 14.09 -20.91 -7.15
N PRO B 201 13.27 -21.85 -6.65
CA PRO B 201 12.51 -22.54 -7.61
C PRO B 201 11.58 -21.57 -8.33
N VAL B 202 11.21 -21.94 -9.55
CA VAL B 202 10.26 -21.19 -10.39
C VAL B 202 9.25 -22.12 -11.07
N ARG B 203 8.12 -21.56 -11.55
CA ARG B 203 7.29 -22.22 -12.54
C ARG B 203 7.63 -21.64 -13.84
N ALA B 204 8.34 -22.43 -14.65
CA ALA B 204 8.71 -21.98 -15.98
C ALA B 204 7.61 -22.41 -16.92
N VAL B 205 7.12 -21.48 -17.72
CA VAL B 205 6.21 -21.80 -18.81
C VAL B 205 6.52 -21.03 -20.05
N ILE B 206 6.08 -21.55 -21.18
CA ILE B 206 6.32 -20.88 -22.47
C ILE B 206 5.09 -20.91 -23.33
N ARG B 207 4.98 -19.91 -24.23
CA ARG B 207 3.89 -19.79 -25.20
C ARG B 207 4.51 -19.50 -26.61
N PRO B 208 4.15 -20.28 -27.65
CA PRO B 208 4.70 -20.09 -29.01
C PRO B 208 4.37 -18.71 -29.56
N ILE B 209 5.35 -18.05 -30.17
CA ILE B 209 5.10 -16.76 -30.80
C ILE B 209 4.24 -17.05 -32.01
N SER C 4 -0.92 -0.05 17.62
CA SER C 4 -2.41 0.04 17.62
C SER C 4 -2.89 1.11 16.58
N LYS C 5 -3.80 0.71 15.68
CA LYS C 5 -4.22 1.55 14.57
C LYS C 5 -5.06 2.79 14.94
N TRP C 6 -4.82 3.88 14.22
CA TRP C 6 -5.76 4.99 14.24
C TRP C 6 -7.06 4.65 13.57
N ILE C 7 -8.17 5.19 14.12
CA ILE C 7 -9.54 4.93 13.62
C ILE C 7 -10.13 6.25 13.19
N ASP C 8 -10.64 6.30 11.96
CA ASP C 8 -11.29 7.45 11.43
C ASP C 8 -12.72 7.61 12.05
N ILE C 9 -13.00 8.80 12.61
CA ILE C 9 -14.34 9.14 13.12
C ILE C 9 -14.84 10.46 12.47
N SER C 10 -14.48 10.64 11.20
CA SER C 10 -14.89 11.79 10.40
C SER C 10 -15.89 11.40 9.35
N GLN C 11 -16.83 12.30 9.11
CA GLN C 11 -17.85 12.08 8.05
C GLN C 11 -17.20 12.27 6.68
N PRO C 12 -17.41 11.33 5.75
CA PRO C 12 -16.95 11.49 4.35
C PRO C 12 -17.45 12.78 3.70
N LEU C 13 -16.54 13.55 3.11
CA LEU C 13 -16.90 14.78 2.45
C LEU C 13 -16.97 14.59 0.99
N ASN C 14 -18.17 14.73 0.43
CA ASN C 14 -18.45 14.65 -1.02
C ASN C 14 -19.75 15.46 -1.30
N ASN C 15 -20.13 15.55 -2.56
CA ASN C 15 -21.25 16.35 -2.99
C ASN C 15 -22.60 15.88 -2.47
N ASP C 16 -22.71 14.66 -1.93
CA ASP C 16 -23.97 14.24 -1.27
C ASP C 16 -24.12 14.58 0.24
N ILE C 17 -23.09 15.16 0.86
CA ILE C 17 -23.18 15.49 2.27
C ILE C 17 -24.26 16.56 2.57
N ALA C 18 -24.90 16.48 3.73
CA ALA C 18 -25.91 17.48 4.15
C ALA C 18 -25.22 18.71 4.70
N THR C 19 -25.90 19.84 4.58
CA THR C 19 -25.42 21.11 5.12
C THR C 19 -26.58 21.67 5.96
N TRP C 20 -26.31 22.71 6.72
CA TRP C 20 -27.30 23.53 7.37
C TRP C 20 -28.20 24.12 6.28
N PRO C 21 -29.50 24.30 6.57
CA PRO C 21 -30.46 24.73 5.52
C PRO C 21 -30.07 26.07 4.90
N GLY C 22 -30.07 26.14 3.58
CA GLY C 22 -29.63 27.35 2.91
C GLY C 22 -28.10 27.65 2.83
N ASP C 23 -27.27 26.88 3.50
CA ASP C 23 -25.84 27.15 3.65
C ASP C 23 -25.11 26.69 2.40
N THR C 24 -23.87 27.14 2.16
CA THR C 24 -23.15 26.72 0.93
C THR C 24 -23.16 25.23 0.78
N PRO C 25 -23.76 24.69 -0.31
CA PRO C 25 -23.63 23.26 -0.55
C PRO C 25 -22.16 22.86 -0.78
N PHE C 26 -21.82 21.64 -0.42
CA PHE C 26 -20.45 21.17 -0.61
C PHE C 26 -20.21 20.92 -2.07
N SER C 27 -19.06 21.40 -2.56
CA SER C 27 -18.68 21.11 -3.91
C SER C 27 -17.16 20.77 -4.07
N TYR C 28 -16.89 19.57 -4.54
CA TYR C 28 -15.61 19.26 -5.19
C TYR C 28 -15.81 19.02 -6.67
N GLU C 29 -15.03 19.70 -7.49
CA GLU C 29 -15.12 19.48 -8.95
C GLU C 29 -13.76 19.62 -9.63
N VAL C 30 -13.54 18.82 -10.64
CA VAL C 30 -12.33 18.90 -11.49
C VAL C 30 -12.58 19.98 -12.54
N LEU C 31 -11.88 21.10 -12.46
CA LEU C 31 -12.09 22.17 -13.43
C LEU C 31 -11.43 21.85 -14.74
N TRP C 32 -10.20 21.42 -14.63
CA TRP C 32 -9.35 21.21 -15.77
C TRP C 32 -8.73 19.79 -15.61
N SER C 33 -9.13 18.84 -16.45
CA SER C 33 -8.64 17.46 -16.31
C SER C 33 -7.19 17.26 -16.81
N LYS C 34 -6.63 16.08 -16.55
CA LYS C 34 -5.34 15.71 -17.08
C LYS C 34 -5.29 15.64 -18.63
N GLU C 35 -6.32 15.07 -19.26
CA GLU C 35 -6.48 15.11 -20.73
C GLU C 35 -6.38 16.51 -21.28
N GLU C 36 -7.11 17.40 -20.67
CA GLU C 36 -7.13 18.82 -21.08
C GLU C 36 -5.85 19.60 -20.78
N SER C 37 -5.26 19.41 -19.60
CA SER C 37 -4.11 20.22 -19.21
C SER C 37 -2.75 19.68 -19.72
N GLY C 38 -2.73 18.42 -20.07
CA GLY C 38 -1.49 17.72 -20.37
C GLY C 38 -0.67 17.24 -19.17
N SER C 39 -1.12 17.43 -17.93
CA SER C 39 -0.28 16.99 -16.77
C SER C 39 -1.05 16.61 -15.52
N VAL C 40 -2.05 17.43 -15.16
CA VAL C 40 -2.64 17.34 -13.82
C VAL C 40 -4.15 17.53 -13.84
N ASN C 41 -4.80 16.90 -12.88
CA ASN C 41 -6.20 17.12 -12.63
C ASN C 41 -6.24 18.25 -11.68
N VAL C 42 -6.84 19.35 -12.07
CA VAL C 42 -6.91 20.57 -11.24
C VAL C 42 -8.33 20.72 -10.68
N GLY C 43 -8.37 20.82 -9.36
CA GLY C 43 -9.59 20.61 -8.64
C GLY C 43 -9.96 21.87 -7.90
N LYS C 44 -11.23 21.90 -7.53
CA LYS C 44 -11.72 22.98 -6.73
C LYS C 44 -12.69 22.57 -5.68
N LEU C 45 -12.41 23.07 -4.48
CA LEU C 45 -13.18 22.83 -3.33
C LEU C 45 -13.92 24.10 -2.92
N THR C 46 -15.22 23.92 -2.72
CA THR C 46 -16.11 24.99 -2.22
C THR C 46 -17.00 24.41 -1.12
N MET C 47 -17.05 25.07 0.03
CA MET C 47 -17.81 24.51 1.15
C MET C 47 -18.05 25.50 2.23
N SER C 48 -19.11 25.20 3.02
CA SER C 48 -19.24 25.82 4.33
C SER C 48 -18.31 25.24 5.35
N ILE C 49 -17.77 26.14 6.19
CA ILE C 49 -17.01 25.79 7.32
C ILE C 49 -17.68 24.72 8.18
N HIS C 50 -19.00 24.82 8.35
CA HIS C 50 -19.68 23.94 9.22
C HIS C 50 -20.30 22.78 8.44
N THR C 51 -19.51 22.07 7.68
CA THR C 51 -19.94 20.86 6.97
C THR C 51 -19.14 19.65 7.48
N GLY C 52 -19.77 18.49 7.61
CA GLY C 52 -19.09 17.32 8.10
C GLY C 52 -18.52 17.47 9.48
N THR C 53 -17.47 16.67 9.79
CA THR C 53 -16.78 16.83 11.03
C THR C 53 -15.95 18.11 11.11
N HIS C 54 -16.16 18.91 12.15
CA HIS C 54 -15.53 20.24 12.18
C HIS C 54 -15.48 20.81 13.55
N ILE C 55 -14.71 21.88 13.75
CA ILE C 55 -14.65 22.63 14.98
C ILE C 55 -15.09 24.07 14.81
N ASP C 56 -15.70 24.64 15.84
CA ASP C 56 -16.18 26.03 15.92
C ASP C 56 -15.14 26.85 16.62
N ALA C 57 -14.97 28.04 16.20
CA ALA C 57 -14.21 29.04 16.88
C ALA C 57 -15.17 30.02 17.50
N PRO C 58 -14.71 30.81 18.47
CA PRO C 58 -15.62 31.73 19.13
C PRO C 58 -16.21 32.81 18.22
N PHE C 59 -15.47 33.17 17.18
CA PHE C 59 -15.97 34.12 16.22
C PHE C 59 -17.29 33.71 15.58
N HIS C 60 -17.53 32.42 15.51
CA HIS C 60 -18.73 31.89 14.92
C HIS C 60 -20.01 32.45 15.59
N PHE C 61 -19.99 32.61 16.90
CA PHE C 61 -21.17 33.13 17.66
C PHE C 61 -20.86 34.42 18.43
N ASP C 62 -19.64 34.97 18.31
CA ASP C 62 -19.28 36.21 18.98
C ASP C 62 -18.41 37.06 18.08
N ASN C 63 -18.87 38.26 17.77
CA ASN C 63 -18.15 39.13 16.86
C ASN C 63 -16.79 39.54 17.33
N ASP C 64 -16.54 39.50 18.64
CA ASP C 64 -15.19 39.76 19.16
C ASP C 64 -14.44 38.49 19.56
N GLY C 65 -14.98 37.34 19.21
CA GLY C 65 -14.33 36.06 19.48
C GLY C 65 -13.09 35.78 18.63
N LYS C 66 -12.25 34.89 19.16
CA LYS C 66 -11.06 34.44 18.47
C LYS C 66 -11.42 33.73 17.19
N LYS C 67 -10.52 33.93 16.24
CA LYS C 67 -10.56 33.20 14.96
C LYS C 67 -9.82 31.89 15.10
N VAL C 68 -9.96 31.03 14.11
CA VAL C 68 -9.49 29.66 14.18
C VAL C 68 -7.95 29.61 14.49
N LEU C 69 -7.18 30.51 13.91
CA LEU C 69 -5.73 30.43 14.07
C LEU C 69 -5.28 30.91 15.46
N ASP C 70 -6.11 31.65 16.14
CA ASP C 70 -5.76 32.12 17.48
C ASP C 70 -5.97 31.00 18.50
N LEU C 71 -6.60 29.89 18.09
CA LEU C 71 -6.88 28.78 18.97
C LEU C 71 -5.62 27.95 19.31
N ASP C 72 -5.58 27.46 20.54
CA ASP C 72 -4.50 26.58 21.03
C ASP C 72 -4.62 25.15 20.47
N ILE C 73 -3.62 24.78 19.66
CA ILE C 73 -3.57 23.45 19.07
C ILE C 73 -3.42 22.28 20.08
N GLN C 74 -2.87 22.56 21.27
CA GLN C 74 -2.72 21.52 22.29
C GLN C 74 -4.09 20.94 22.67
N VAL C 75 -5.14 21.74 22.52
CA VAL C 75 -6.47 21.33 22.92
C VAL C 75 -7.00 20.21 22.05
N TYR C 76 -6.57 20.19 20.77
CA TYR C 76 -7.17 19.29 19.79
C TYR C 76 -6.38 18.00 19.58
N VAL C 77 -5.39 17.76 20.43
CA VAL C 77 -4.58 16.52 20.38
C VAL C 77 -4.33 16.00 21.77
N GLY C 78 -4.69 14.77 22.02
CA GLY C 78 -4.44 14.20 23.35
C GLY C 78 -5.49 13.20 23.83
N PRO C 79 -5.32 12.65 25.06
CA PRO C 79 -6.22 11.70 25.66
C PRO C 79 -7.63 12.18 25.69
N THR C 80 -8.54 11.29 25.37
CA THR C 80 -9.97 11.63 25.35
C THR C 80 -10.73 10.46 25.87
N ARG C 81 -11.87 10.73 26.47
CA ARG C 81 -12.78 9.69 26.87
C ARG C 81 -14.05 9.75 26.05
N ILE C 82 -14.54 8.58 25.66
CA ILE C 82 -15.80 8.45 24.97
C ILE C 82 -16.86 7.78 25.85
N ILE C 83 -18.02 8.40 25.94
CA ILE C 83 -19.17 7.90 26.72
C ILE C 83 -20.47 7.87 25.91
N ASP C 84 -21.37 7.00 26.32
CA ASP C 84 -22.69 6.85 25.71
C ASP C 84 -23.73 7.62 26.49
N VAL C 85 -24.40 8.55 25.80
CA VAL C 85 -25.48 9.33 26.32
C VAL C 85 -26.67 9.24 25.38
N SER C 86 -26.92 8.05 24.80
CA SER C 86 -28.09 7.88 23.90
C SER C 86 -29.45 7.94 24.66
N ASN C 87 -30.53 8.09 23.90
CA ASN C 87 -31.88 8.16 24.46
C ASN C 87 -32.04 9.22 25.54
N LEU C 88 -31.46 10.38 25.31
CA LEU C 88 -31.66 11.55 26.18
C LEU C 88 -32.03 12.77 25.31
N GLU C 89 -33.12 13.45 25.66
CA GLU C 89 -33.53 14.62 24.90
C GLU C 89 -32.55 15.74 25.09
N SER C 90 -32.03 15.89 26.29
CA SER C 90 -31.01 16.89 26.54
C SER C 90 -30.06 16.38 27.61
N ILE C 91 -28.84 16.97 27.64
CA ILE C 91 -27.72 16.46 28.39
C ILE C 91 -27.09 17.55 29.20
N GLY C 92 -27.14 17.39 30.52
CA GLY C 92 -26.57 18.38 31.43
C GLY C 92 -25.86 17.71 32.55
N LYS C 93 -25.55 18.50 33.58
CA LYS C 93 -24.89 18.06 34.79
C LYS C 93 -25.48 16.74 35.31
N LYS C 94 -26.81 16.71 35.43
CA LYS C 94 -27.51 15.55 35.94
C LYS C 94 -27.13 14.25 35.25
N GLU C 95 -27.10 14.27 33.93
CA GLU C 95 -26.87 13.03 33.19
C GLU C 95 -25.39 12.58 33.21
N LEU C 96 -24.48 13.52 33.44
CA LEU C 96 -23.02 13.29 33.38
C LEU C 96 -22.38 12.96 34.72
N GLU C 97 -23.09 13.27 35.82
CA GLU C 97 -22.56 12.98 37.13
C GLU C 97 -22.40 11.50 37.33
N LYS C 98 -23.19 10.67 36.65
CA LYS C 98 -23.07 9.20 36.77
C LYS C 98 -21.75 8.58 36.15
N PHE C 99 -20.94 9.39 35.49
CA PHE C 99 -19.70 8.94 34.86
C PHE C 99 -18.50 9.38 35.67
N HIS C 100 -17.48 8.59 35.66
CA HIS C 100 -16.30 8.89 36.45
C HIS C 100 -15.43 9.61 35.47
N LEU C 101 -15.08 10.87 35.76
CA LEU C 101 -14.52 11.74 34.74
C LEU C 101 -13.37 12.50 35.28
N GLU C 102 -12.74 11.96 36.32
CA GLU C 102 -11.58 12.61 36.90
C GLU C 102 -10.36 12.54 35.96
N GLY C 103 -9.66 13.66 35.86
CA GLY C 103 -8.45 13.77 35.08
C GLY C 103 -8.71 13.83 33.58
N VAL C 104 -9.98 13.87 33.14
CA VAL C 104 -10.31 13.85 31.72
C VAL C 104 -10.16 15.27 31.15
N GLU C 105 -9.55 15.37 29.98
CA GLU C 105 -9.28 16.65 29.33
C GLU C 105 -10.17 16.84 28.13
N ARG C 106 -10.66 15.75 27.54
CA ARG C 106 -11.45 15.86 26.30
C ARG C 106 -12.48 14.82 26.38
N LEU C 107 -13.69 15.13 25.99
CA LEU C 107 -14.78 14.19 26.16
C LEU C 107 -15.62 14.12 24.90
N LEU C 108 -15.89 12.92 24.42
CA LEU C 108 -16.78 12.73 23.24
C LEU C 108 -18.05 12.03 23.65
N LEU C 109 -19.21 12.56 23.22
CA LEU C 109 -20.53 12.02 23.56
C LEU C 109 -21.19 11.38 22.39
N ARG C 110 -21.46 10.10 22.50
CA ARG C 110 -22.26 9.37 21.52
C ARG C 110 -23.76 9.43 21.88
N THR C 111 -24.50 10.23 21.15
CA THR C 111 -25.96 10.31 21.24
C THR C 111 -26.64 9.21 20.41
N SER C 112 -25.96 8.73 19.37
CA SER C 112 -26.53 7.73 18.45
C SER C 112 -27.89 8.18 17.98
N SER C 113 -28.03 9.49 17.90
CA SER C 113 -29.30 10.14 17.58
C SER C 113 -29.60 10.15 16.07
N HIS C 114 -28.56 10.26 15.24
CA HIS C 114 -28.74 10.56 13.82
C HIS C 114 -27.88 9.65 12.95
N GLY C 115 -26.61 10.00 12.78
CA GLY C 115 -25.65 9.12 12.05
C GLY C 115 -25.91 8.91 10.57
N LYS C 116 -26.59 9.86 9.94
CA LYS C 116 -26.78 9.87 8.50
C LYS C 116 -26.18 11.17 7.99
N ALA C 117 -24.95 11.09 7.51
CA ALA C 117 -24.17 12.25 7.11
C ALA C 117 -24.81 12.99 5.87
N ASN C 118 -25.57 12.26 5.07
CA ASN C 118 -26.21 12.79 3.87
C ASN C 118 -27.58 13.47 4.10
N GLU C 119 -28.12 13.42 5.33
CA GLU C 119 -29.41 14.08 5.68
C GLU C 119 -29.21 15.03 6.85
N PHE C 120 -29.80 16.21 6.80
CA PHE C 120 -29.73 17.09 7.94
C PHE C 120 -30.90 16.75 8.86
N PRO C 121 -30.64 16.61 10.17
CA PRO C 121 -31.70 16.15 11.08
C PRO C 121 -32.77 17.20 11.34
N ASP C 122 -33.94 16.74 11.73
CA ASP C 122 -35.06 17.63 12.13
C ASP C 122 -34.92 18.05 13.59
N ILE C 123 -34.41 17.14 14.42
CA ILE C 123 -34.27 17.35 15.85
C ILE C 123 -33.05 16.58 16.37
N ILE C 124 -32.33 17.18 17.31
CA ILE C 124 -31.20 16.54 17.97
C ILE C 124 -31.28 16.71 19.47
N PRO C 125 -30.57 15.87 20.23
CA PRO C 125 -30.30 16.14 21.64
C PRO C 125 -29.35 17.32 21.81
N HIS C 126 -29.65 18.24 22.71
CA HIS C 126 -28.72 19.34 22.91
C HIS C 126 -28.09 19.27 24.31
N LEU C 127 -27.06 20.08 24.53
CA LEU C 127 -26.45 20.29 25.84
C LEU C 127 -27.08 21.48 26.60
N ARG C 128 -27.37 21.27 27.87
CA ARG C 128 -27.85 22.35 28.72
C ARG C 128 -26.66 23.12 29.26
N ALA C 129 -26.90 24.37 29.64
CA ALA C 129 -25.83 25.33 29.95
C ALA C 129 -25.08 25.07 31.27
N ASP C 130 -25.74 24.36 32.19
CA ASP C 130 -25.09 23.96 33.45
C ASP C 130 -23.95 22.97 33.22
N ILE C 131 -23.90 22.35 32.04
CA ILE C 131 -22.85 21.41 31.75
C ILE C 131 -21.45 22.09 31.79
N ALA C 132 -21.37 23.35 31.39
CA ALA C 132 -20.09 24.08 31.29
C ALA C 132 -19.29 24.33 32.58
N PRO C 133 -19.90 24.96 33.60
CA PRO C 133 -19.20 24.99 34.87
C PRO C 133 -18.79 23.61 35.40
N PHE C 134 -19.68 22.62 35.28
CA PHE C 134 -19.41 21.24 35.67
C PHE C 134 -18.16 20.66 35.00
N LEU C 135 -18.13 20.65 33.67
CA LEU C 135 -16.97 20.14 32.94
C LEU C 135 -15.75 21.00 33.18
N SER C 136 -15.93 22.30 33.23
CA SER C 136 -14.82 23.23 33.46
C SER C 136 -14.09 22.88 34.74
N GLU C 137 -14.86 22.71 35.81
CA GLU C 137 -14.31 22.36 37.08
C GLU C 137 -13.44 21.11 37.04
N LYS C 138 -13.87 20.08 36.29
CA LYS C 138 -13.10 18.84 36.17
C LYS C 138 -11.88 18.93 35.31
N GLY C 139 -11.66 20.05 34.60
CA GLY C 139 -10.44 20.25 33.75
C GLY C 139 -10.62 19.96 32.26
N ILE C 140 -11.88 19.81 31.83
CA ILE C 140 -12.20 19.49 30.46
C ILE C 140 -12.13 20.69 29.53
N ARG C 141 -11.34 20.56 28.46
CA ARG C 141 -11.04 21.64 27.53
C ARG C 141 -11.74 21.46 26.19
N LEU C 142 -12.26 20.26 25.91
CA LEU C 142 -12.88 20.02 24.64
C LEU C 142 -14.02 19.06 24.81
N ILE C 143 -15.13 19.39 24.13
CA ILE C 143 -16.30 18.53 24.12
C ILE C 143 -16.68 18.27 22.67
N GLY C 144 -17.04 17.02 22.39
CA GLY C 144 -17.39 16.59 21.05
C GLY C 144 -18.69 15.86 21.07
N VAL C 145 -19.49 16.01 20.00
CA VAL C 145 -20.75 15.36 19.87
C VAL C 145 -20.97 14.81 18.50
N ASP C 146 -21.78 13.77 18.39
CA ASP C 146 -22.01 13.14 17.09
C ASP C 146 -23.17 13.71 16.32
N VAL C 147 -23.37 15.02 16.48
CA VAL C 147 -24.44 15.71 15.82
C VAL C 147 -23.94 17.07 15.37
N PRO C 148 -24.70 17.78 14.56
CA PRO C 148 -24.23 19.09 14.04
C PRO C 148 -24.09 20.24 14.99
N SER C 149 -24.70 20.15 16.16
CA SER C 149 -24.67 21.29 17.06
C SER C 149 -24.73 20.88 18.52
N VAL C 150 -24.23 21.76 19.39
CA VAL C 150 -24.48 21.63 20.82
C VAL C 150 -25.72 22.36 21.32
N ASP C 151 -26.34 23.21 20.51
CA ASP C 151 -27.62 23.84 20.88
C ASP C 151 -28.69 23.30 19.97
N PRO C 152 -29.97 23.48 20.35
CA PRO C 152 -31.03 22.99 19.44
C PRO C 152 -30.96 23.66 18.07
N LEU C 153 -31.44 22.95 17.07
CA LEU C 153 -31.30 23.37 15.67
C LEU C 153 -31.86 24.78 15.32
N ASP C 154 -32.87 25.24 16.07
CA ASP C 154 -33.56 26.52 15.81
C ASP C 154 -33.31 27.62 16.86
N ASP C 155 -32.46 27.32 17.84
CA ASP C 155 -32.16 28.24 18.94
C ASP C 155 -31.25 29.34 18.41
N LYS C 156 -31.61 30.57 18.68
CA LYS C 156 -30.82 31.73 18.29
C LYS C 156 -30.00 32.30 19.41
N GLU C 157 -30.23 31.91 20.65
CA GLU C 157 -29.40 32.44 21.73
C GLU C 157 -28.05 31.75 21.78
N LEU C 158 -28.04 30.46 21.36
CA LEU C 158 -26.86 29.57 21.43
C LEU C 158 -26.23 29.57 22.80
N ALA C 159 -27.03 29.26 23.80
CA ALA C 159 -26.62 29.28 25.20
C ALA C 159 -25.41 28.38 25.41
N ALA C 160 -25.52 27.11 24.95
CA ALA C 160 -24.47 26.10 25.07
C ALA C 160 -23.15 26.55 24.44
N HIS C 161 -23.19 27.03 23.18
CA HIS C 161 -21.99 27.54 22.56
C HIS C 161 -21.33 28.59 23.45
N HIS C 162 -22.10 29.59 23.85
CA HIS C 162 -21.56 30.73 24.60
C HIS C 162 -20.92 30.32 25.95
N GLN C 163 -21.59 29.42 26.63
CA GLN C 163 -21.20 29.01 27.95
C GLN C 163 -19.97 28.11 27.88
N LEU C 164 -19.99 27.14 26.97
CA LEU C 164 -18.81 26.33 26.77
C LEU C 164 -17.57 27.18 26.57
N PHE C 165 -17.60 28.10 25.62
CA PHE C 165 -16.37 28.87 25.40
C PHE C 165 -16.04 29.84 26.56
N LYS C 166 -17.06 30.34 27.28
CA LYS C 166 -16.80 31.20 28.41
C LYS C 166 -16.02 30.46 29.49
N HIS C 167 -16.22 29.14 29.56
CA HIS C 167 -15.44 28.30 30.47
C HIS C 167 -14.26 27.59 29.80
N SER C 168 -13.83 28.10 28.65
CA SER C 168 -12.64 27.63 27.97
C SER C 168 -12.79 26.20 27.48
N ILE C 169 -14.02 25.77 27.20
CA ILE C 169 -14.24 24.50 26.56
C ILE C 169 -14.48 24.71 25.03
N HIS C 170 -13.64 24.04 24.25
CA HIS C 170 -13.68 24.09 22.82
C HIS C 170 -14.69 23.08 22.28
N ILE C 171 -15.08 23.25 21.01
CA ILE C 171 -16.22 22.48 20.44
C ILE C 171 -15.90 21.76 19.17
N LEU C 172 -16.34 20.50 19.10
CA LEU C 172 -16.16 19.62 17.94
C LEU C 172 -17.50 18.97 17.66
N GLU C 173 -17.98 19.12 16.42
CA GLU C 173 -19.30 18.62 16.00
C GLU C 173 -19.18 17.62 14.86
N ASN C 174 -20.19 16.75 14.77
CA ASN C 174 -20.37 15.74 13.69
C ASN C 174 -19.29 14.66 13.62
N VAL C 175 -18.82 14.21 14.77
CA VAL C 175 -17.94 13.03 14.82
C VAL C 175 -18.83 11.80 14.58
N VAL C 176 -18.25 10.76 14.03
CA VAL C 176 -18.96 9.52 13.75
C VAL C 176 -18.51 8.44 14.78
N LEU C 177 -19.38 8.10 15.74
CA LEU C 177 -18.98 7.23 16.84
C LEU C 177 -19.71 5.88 16.87
N ASP C 178 -20.49 5.51 15.87
CA ASP C 178 -21.26 4.25 16.05
C ASP C 178 -20.43 2.97 15.92
N HIS C 179 -19.23 3.06 15.35
CA HIS C 179 -18.35 1.88 15.12
C HIS C 179 -17.24 1.81 16.17
N VAL C 180 -17.32 2.63 17.22
CA VAL C 180 -16.31 2.60 18.24
C VAL C 180 -16.95 2.35 19.62
N ALA C 181 -16.17 1.70 20.48
CA ALA C 181 -16.58 1.44 21.86
C ALA C 181 -16.29 2.59 22.85
N ASP C 182 -17.09 2.66 23.91
CA ASP C 182 -16.79 3.57 25.02
C ASP C 182 -15.38 3.31 25.57
N GLY C 183 -14.73 4.34 26.08
CA GLY C 183 -13.45 4.16 26.72
C GLY C 183 -12.47 5.24 26.39
N ASP C 184 -11.21 4.95 26.65
CA ASP C 184 -10.13 5.90 26.49
C ASP C 184 -9.35 5.74 25.21
N TYR C 185 -9.02 6.87 24.62
CA TYR C 185 -8.37 6.91 23.37
C TYR C 185 -7.44 8.08 23.35
N GLU C 186 -6.57 8.07 22.35
CA GLU C 186 -5.92 9.32 22.00
C GLU C 186 -6.76 9.94 20.89
N LEU C 187 -6.99 11.26 20.96
CA LEU C 187 -7.64 11.98 19.85
C LEU C 187 -6.75 12.88 19.04
N ILE C 188 -7.07 13.00 17.76
CA ILE C 188 -6.56 14.09 16.93
C ILE C 188 -7.68 14.68 16.12
N ALA C 189 -7.77 16.00 16.17
CA ALA C 189 -8.82 16.72 15.47
C ALA C 189 -8.44 18.17 15.24
N LEU C 190 -7.47 18.41 14.36
CA LEU C 190 -6.88 19.70 14.33
C LEU C 190 -7.52 20.57 13.29
N PRO C 191 -7.76 21.83 13.64
CA PRO C 191 -8.25 22.72 12.57
C PRO C 191 -7.15 23.11 11.67
N LEU C 192 -7.56 23.54 10.45
CA LEU C 192 -6.67 24.14 9.47
C LEU C 192 -6.24 25.48 9.96
N ALA C 193 -5.14 25.97 9.41
CA ALA C 193 -4.58 27.21 9.93
C ALA C 193 -5.29 28.45 9.33
N LEU C 194 -6.58 28.62 9.59
CA LEU C 194 -7.31 29.68 8.92
C LEU C 194 -7.27 30.97 9.71
N SER C 195 -6.53 31.99 9.22
CA SER C 195 -6.30 33.24 9.98
C SER C 195 -7.60 33.99 10.37
N ASP C 196 -8.59 34.00 9.49
CA ASP C 196 -9.81 34.80 9.65
C ASP C 196 -11.12 34.02 9.87
N ALA C 197 -11.09 32.71 9.98
CA ALA C 197 -12.33 31.92 9.99
C ALA C 197 -13.05 31.68 11.30
N ASP C 198 -14.31 31.27 11.18
CA ASP C 198 -15.22 31.02 12.30
C ASP C 198 -15.25 29.55 12.71
N GLY C 199 -14.39 28.73 12.06
CA GLY C 199 -14.33 27.30 12.39
C GLY C 199 -13.54 26.62 11.33
N SER C 200 -13.43 25.29 11.38
CA SER C 200 -12.65 24.58 10.39
C SER C 200 -13.04 23.15 10.30
N PRO C 201 -13.19 22.63 9.10
CA PRO C 201 -13.31 21.17 9.08
C PRO C 201 -12.01 20.56 9.55
N VAL C 202 -12.13 19.33 10.04
CA VAL C 202 -10.98 18.56 10.57
C VAL C 202 -11.10 17.10 10.12
N ARG C 203 -9.98 16.38 10.20
CA ARG C 203 -10.03 14.93 10.19
C ARG C 203 -9.82 14.44 11.62
N ALA C 204 -10.90 13.92 12.18
CA ALA C 204 -10.88 13.46 13.52
C ALA C 204 -10.58 12.01 13.49
N VAL C 205 -9.56 11.62 14.24
CA VAL C 205 -9.24 10.18 14.37
C VAL C 205 -8.93 9.88 15.80
N ILE C 206 -9.04 8.61 16.14
CA ILE C 206 -8.75 8.12 17.50
C ILE C 206 -8.00 6.81 17.49
N ARG C 207 -7.20 6.58 18.53
CA ARG C 207 -6.43 5.34 18.75
C ARG C 207 -6.66 4.88 20.18
N PRO C 208 -7.05 3.59 20.39
CA PRO C 208 -7.31 3.04 21.74
C PRO C 208 -6.07 3.12 22.60
N ILE C 209 -6.17 3.60 23.85
CA ILE C 209 -4.99 3.55 24.75
C ILE C 209 -4.73 2.10 25.18
N SER D 4 5.68 18.12 26.65
CA SER D 4 6.32 18.84 25.53
C SER D 4 5.27 19.32 24.49
N LYS D 5 5.35 20.59 24.12
CA LYS D 5 4.35 21.21 23.26
C LYS D 5 4.38 20.85 21.75
N TRP D 6 3.20 20.77 21.13
CA TRP D 6 3.14 20.65 19.68
C TRP D 6 3.56 21.95 19.07
N ILE D 7 4.19 21.86 17.90
CA ILE D 7 4.62 23.03 17.14
C ILE D 7 3.92 23.04 15.77
N ASP D 8 3.39 24.20 15.40
CA ASP D 8 2.70 24.42 14.11
C ASP D 8 3.73 24.59 13.04
N ILE D 9 3.63 23.80 11.99
CA ILE D 9 4.50 23.95 10.83
C ILE D 9 3.67 24.08 9.56
N SER D 10 2.49 24.70 9.73
CA SER D 10 1.57 25.00 8.61
C SER D 10 1.59 26.46 8.19
N GLN D 11 1.37 26.72 6.88
CA GLN D 11 1.23 28.07 6.40
C GLN D 11 -0.11 28.61 6.75
N PRO D 12 -0.16 29.84 7.32
CA PRO D 12 -1.45 30.53 7.54
C PRO D 12 -2.31 30.64 6.26
N LEU D 13 -3.58 30.28 6.33
CA LEU D 13 -4.47 30.34 5.17
C LEU D 13 -5.40 31.56 5.28
N ASN D 14 -5.23 32.50 4.37
CA ASN D 14 -6.04 33.69 4.22
C ASN D 14 -5.95 34.19 2.77
N ASN D 15 -6.69 35.24 2.44
CA ASN D 15 -6.83 35.68 1.06
C ASN D 15 -5.55 36.26 0.46
N ASP D 16 -4.51 36.53 1.26
CA ASP D 16 -3.21 36.90 0.70
C ASP D 16 -2.27 35.74 0.39
N ILE D 17 -2.64 34.50 0.69
CA ILE D 17 -1.77 33.38 0.36
C ILE D 17 -1.52 33.28 -1.15
N ALA D 18 -0.32 32.88 -1.54
CA ALA D 18 -0.06 32.61 -2.96
C ALA D 18 -0.71 31.31 -3.40
N THR D 19 -0.97 31.20 -4.69
CA THR D 19 -1.38 29.95 -5.29
C THR D 19 -0.48 29.64 -6.48
N TRP D 20 -0.61 28.44 -7.03
CA TRP D 20 -0.10 28.11 -8.33
C TRP D 20 -0.74 28.98 -9.39
N PRO D 21 0.06 29.39 -10.39
CA PRO D 21 -0.52 30.11 -11.54
C PRO D 21 -1.60 29.20 -12.16
N GLY D 22 -2.74 29.76 -12.50
CA GLY D 22 -3.82 28.92 -13.05
C GLY D 22 -4.68 28.12 -12.07
N ASP D 23 -4.34 28.12 -10.78
CA ASP D 23 -5.25 27.59 -9.77
C ASP D 23 -6.24 28.65 -9.27
N THR D 24 -7.37 28.17 -8.74
CA THR D 24 -8.34 28.96 -7.93
C THR D 24 -7.68 29.75 -6.81
N PRO D 25 -7.94 31.08 -6.72
CA PRO D 25 -7.38 31.83 -5.61
C PRO D 25 -8.07 31.37 -4.36
N PHE D 26 -7.39 31.51 -3.23
CA PHE D 26 -7.99 31.22 -1.96
C PHE D 26 -9.03 32.27 -1.61
N SER D 27 -10.20 31.78 -1.15
CA SER D 27 -11.20 32.67 -0.61
C SER D 27 -11.87 32.13 0.66
N TYR D 28 -11.68 32.84 1.78
CA TYR D 28 -12.54 32.70 2.96
C TYR D 28 -13.36 33.98 3.03
N GLU D 29 -14.68 33.84 3.15
CA GLU D 29 -15.55 35.00 3.31
C GLU D 29 -16.70 34.62 4.21
N VAL D 30 -17.19 35.59 4.95
CA VAL D 30 -18.33 35.35 5.87
C VAL D 30 -19.58 35.44 4.96
N LEU D 31 -20.31 34.34 4.79
CA LEU D 31 -21.51 34.27 3.98
C LEU D 31 -22.66 34.99 4.65
N TRP D 32 -22.90 34.58 5.89
CA TRP D 32 -23.97 35.13 6.72
C TRP D 32 -23.30 35.69 7.94
N SER D 33 -23.35 37.01 8.13
CA SER D 33 -22.88 37.60 9.31
C SER D 33 -23.90 37.40 10.47
N LYS D 34 -23.43 37.72 11.66
CA LYS D 34 -24.29 37.63 12.89
C LYS D 34 -25.43 38.66 12.90
N GLU D 35 -25.18 39.88 12.43
CA GLU D 35 -26.28 40.87 12.19
C GLU D 35 -27.34 40.28 11.25
N GLU D 36 -26.92 39.70 10.14
CA GLU D 36 -27.84 39.10 9.19
C GLU D 36 -28.53 37.82 9.65
N SER D 37 -27.84 36.91 10.36
CA SER D 37 -28.45 35.59 10.69
C SER D 37 -29.19 35.60 12.01
N GLY D 38 -28.92 36.62 12.80
CA GLY D 38 -29.48 36.75 14.12
C GLY D 38 -28.74 35.92 15.19
N SER D 39 -27.64 35.23 14.83
CA SER D 39 -27.02 34.36 15.83
C SER D 39 -25.53 34.09 15.58
N VAL D 40 -25.16 33.79 14.33
CA VAL D 40 -23.81 33.26 14.04
C VAL D 40 -23.18 33.85 12.82
N ASN D 41 -21.87 33.95 12.88
CA ASN D 41 -21.08 34.26 11.68
C ASN D 41 -20.80 32.95 11.04
N VAL D 42 -21.20 32.77 9.80
CA VAL D 42 -20.97 31.50 9.06
C VAL D 42 -20.04 31.72 7.86
N GLY D 43 -19.01 30.91 7.76
CA GLY D 43 -18.04 31.09 6.68
C GLY D 43 -18.18 30.18 5.46
N LYS D 44 -17.65 30.68 4.36
CA LYS D 44 -17.55 29.94 3.13
C LYS D 44 -16.11 29.93 2.65
N LEU D 45 -15.69 28.71 2.29
CA LEU D 45 -14.34 28.45 1.89
C LEU D 45 -14.30 28.00 0.42
N THR D 46 -13.47 28.69 -0.37
CA THR D 46 -13.25 28.37 -1.75
C THR D 46 -11.73 28.32 -1.96
N MET D 47 -11.23 27.21 -2.51
CA MET D 47 -9.79 27.06 -2.69
C MET D 47 -9.42 25.95 -3.63
N SER D 48 -8.21 26.11 -4.19
CA SER D 48 -7.45 24.99 -4.68
C SER D 48 -6.90 24.15 -3.53
N ILE D 49 -7.09 22.88 -3.72
CA ILE D 49 -6.56 21.85 -2.86
C ILE D 49 -5.07 22.09 -2.62
N HIS D 50 -4.33 22.55 -3.63
CA HIS D 50 -2.89 22.68 -3.49
C HIS D 50 -2.42 24.07 -2.99
N THR D 51 -3.02 24.56 -1.92
CA THR D 51 -2.74 25.88 -1.40
C THR D 51 -2.30 25.72 0.01
N GLY D 52 -1.27 26.46 0.42
CA GLY D 52 -0.72 26.29 1.75
C GLY D 52 -0.22 24.90 1.94
N THR D 53 -0.16 24.47 3.23
CA THR D 53 0.36 23.16 3.60
C THR D 53 -0.62 22.07 3.24
N HIS D 54 -0.18 21.10 2.48
CA HIS D 54 -1.15 20.13 1.97
C HIS D 54 -0.49 18.85 1.58
N ILE D 55 -1.29 17.82 1.36
CA ILE D 55 -0.84 16.59 0.75
C ILE D 55 -1.41 16.36 -0.65
N ASP D 56 -0.66 15.70 -1.53
CA ASP D 56 -1.12 15.23 -2.84
C ASP D 56 -1.65 13.82 -2.75
N ALA D 57 -2.71 13.55 -3.51
CA ALA D 57 -3.14 12.20 -3.76
C ALA D 57 -2.73 11.82 -5.18
N PRO D 58 -2.60 10.53 -5.45
CA PRO D 58 -2.12 10.14 -6.78
C PRO D 58 -3.00 10.62 -7.91
N PHE D 59 -4.29 10.78 -7.62
CA PHE D 59 -5.21 11.24 -8.64
C PHE D 59 -4.78 12.55 -9.27
N HIS D 60 -4.06 13.32 -8.50
CA HIS D 60 -3.65 14.66 -8.93
C HIS D 60 -2.81 14.60 -10.20
N PHE D 61 -1.99 13.55 -10.33
CA PHE D 61 -1.13 13.36 -11.51
C PHE D 61 -1.38 12.02 -12.26
N ASP D 62 -2.35 11.24 -11.85
CA ASP D 62 -2.67 9.99 -12.53
C ASP D 62 -4.15 9.74 -12.49
N ASN D 63 -4.76 9.57 -13.64
CA ASN D 63 -6.19 9.42 -13.70
C ASN D 63 -6.74 8.24 -13.00
N ASP D 64 -5.92 7.20 -12.85
CA ASP D 64 -6.36 6.03 -12.14
C ASP D 64 -5.82 5.94 -10.74
N GLY D 65 -5.19 7.02 -10.29
CA GLY D 65 -4.69 7.10 -8.96
C GLY D 65 -5.78 7.20 -7.92
N LYS D 66 -5.40 6.85 -6.70
CA LYS D 66 -6.28 6.97 -5.59
C LYS D 66 -6.63 8.43 -5.28
N LYS D 67 -7.87 8.57 -4.79
CA LYS D 67 -8.37 9.82 -4.25
C LYS D 67 -7.98 9.90 -2.80
N VAL D 68 -8.13 11.09 -2.25
CA VAL D 68 -7.68 11.37 -0.89
C VAL D 68 -8.21 10.41 0.14
N LEU D 69 -9.47 10.01 0.05
CA LEU D 69 -10.06 9.19 1.11
C LEU D 69 -9.62 7.71 1.01
N ASP D 70 -9.10 7.32 -0.14
CA ASP D 70 -8.57 6.01 -0.30
C ASP D 70 -7.16 5.87 0.35
N LEU D 71 -6.54 6.98 0.76
CA LEU D 71 -5.22 6.99 1.40
C LEU D 71 -5.19 6.46 2.84
N ASP D 72 -4.14 5.73 3.16
CA ASP D 72 -3.89 5.19 4.52
C ASP D 72 -3.50 6.30 5.51
N ILE D 73 -4.37 6.51 6.49
CA ILE D 73 -4.15 7.57 7.47
C ILE D 73 -2.92 7.28 8.32
N GLN D 74 -2.53 6.02 8.48
CA GLN D 74 -1.37 5.69 9.38
C GLN D 74 -0.09 6.37 8.88
N VAL D 75 -0.05 6.66 7.59
CA VAL D 75 1.11 7.25 6.98
C VAL D 75 1.35 8.65 7.48
N TYR D 76 0.28 9.36 7.88
CA TYR D 76 0.38 10.77 8.15
C TYR D 76 0.48 11.11 9.58
N VAL D 77 0.60 10.09 10.41
CA VAL D 77 0.77 10.26 11.85
C VAL D 77 1.85 9.33 12.40
N GLY D 78 2.86 9.89 13.07
CA GLY D 78 3.93 9.08 13.59
C GLY D 78 5.30 9.74 13.50
N PRO D 79 6.36 9.01 13.99
CA PRO D 79 7.71 9.54 14.09
C PRO D 79 8.19 10.06 12.75
N THR D 80 8.88 11.18 12.79
CA THR D 80 9.44 11.77 11.59
C THR D 80 10.79 12.34 11.92
N ARG D 81 11.67 12.36 10.92
CA ARG D 81 12.97 12.99 11.04
C ARG D 81 13.04 14.18 10.16
N ILE D 82 13.61 15.25 10.68
CA ILE D 82 13.82 16.49 9.95
C ILE D 82 15.31 16.76 9.70
N ILE D 83 15.66 17.00 8.44
CA ILE D 83 17.03 17.29 8.02
C ILE D 83 17.15 18.57 7.21
N ASP D 84 18.36 19.14 7.22
CA ASP D 84 18.70 20.27 6.44
C ASP D 84 19.38 19.93 5.14
N VAL D 85 18.78 20.34 4.04
CA VAL D 85 19.30 20.23 2.70
C VAL D 85 19.28 21.61 1.97
N SER D 86 19.64 22.68 2.66
CA SER D 86 19.70 24.01 2.04
C SER D 86 20.84 24.20 1.04
N ASN D 87 20.74 25.23 0.23
CA ASN D 87 21.75 25.53 -0.78
C ASN D 87 22.10 24.37 -1.66
N LEU D 88 21.07 23.68 -2.12
CA LEU D 88 21.21 22.63 -3.13
C LEU D 88 20.21 22.90 -4.26
N GLU D 89 20.68 22.93 -5.51
CA GLU D 89 19.79 23.11 -6.67
C GLU D 89 18.84 21.91 -6.83
N SER D 90 19.33 20.71 -6.54
CA SER D 90 18.49 19.53 -6.57
C SER D 90 19.01 18.52 -5.59
N ILE D 91 18.14 17.57 -5.23
CA ILE D 91 18.35 16.68 -4.09
C ILE D 91 18.04 15.25 -4.49
N GLY D 92 19.05 14.40 -4.40
CA GLY D 92 18.93 13.03 -4.77
C GLY D 92 19.71 12.16 -3.82
N LYS D 93 19.85 10.89 -4.21
CA LYS D 93 20.57 9.89 -3.44
C LYS D 93 21.87 10.42 -2.90
N LYS D 94 22.64 11.03 -3.77
CA LYS D 94 23.96 11.55 -3.39
C LYS D 94 23.93 12.43 -2.17
N GLU D 95 23.01 13.37 -2.13
CA GLU D 95 22.99 14.34 -1.05
C GLU D 95 22.48 13.73 0.24
N LEU D 96 21.69 12.66 0.15
CA LEU D 96 21.01 12.04 1.31
C LEU D 96 21.76 10.89 1.99
N GLU D 97 22.71 10.31 1.27
CA GLU D 97 23.49 9.21 1.82
C GLU D 97 24.31 9.68 3.02
N LYS D 98 24.66 10.96 3.09
CA LYS D 98 25.43 11.51 4.23
C LYS D 98 24.65 11.57 5.59
N PHE D 99 23.33 11.30 5.56
CA PHE D 99 22.51 11.38 6.76
C PHE D 99 22.23 10.06 7.36
N HIS D 100 21.92 10.09 8.67
CA HIS D 100 21.54 8.92 9.40
C HIS D 100 20.06 8.75 9.24
N LEU D 101 19.64 7.68 8.55
CA LEU D 101 18.27 7.49 8.18
C LEU D 101 17.74 6.12 8.41
N GLU D 102 18.39 5.38 9.30
CA GLU D 102 18.02 4.00 9.59
C GLU D 102 16.67 3.90 10.30
N GLY D 103 15.80 3.03 9.78
CA GLY D 103 14.47 2.84 10.37
C GLY D 103 13.50 4.04 10.32
N VAL D 104 13.82 5.07 9.58
CA VAL D 104 12.98 6.27 9.49
C VAL D 104 11.79 5.94 8.58
N GLU D 105 10.58 6.41 8.98
CA GLU D 105 9.34 6.18 8.27
C GLU D 105 8.84 7.46 7.55
N ARG D 106 9.19 8.67 8.06
CA ARG D 106 8.72 9.88 7.49
C ARG D 106 9.85 10.86 7.55
N LEU D 107 10.08 11.63 6.47
CA LEU D 107 11.21 12.49 6.41
C LEU D 107 10.78 13.86 5.91
N LEU D 108 11.20 14.93 6.60
CA LEU D 108 10.97 16.28 6.18
C LEU D 108 12.26 16.98 5.84
N LEU D 109 12.30 17.65 4.69
CA LEU D 109 13.44 18.32 4.22
C LEU D 109 13.30 19.82 4.27
N ARG D 110 14.19 20.48 5.01
CA ARG D 110 14.29 21.91 4.99
C ARG D 110 15.23 22.38 3.91
N THR D 111 14.68 22.93 2.83
CA THR D 111 15.47 23.63 1.78
C THR D 111 15.77 25.10 2.14
N SER D 112 14.96 25.71 3.01
CA SER D 112 15.12 27.13 3.39
C SER D 112 15.23 28.01 2.15
N SER D 113 14.60 27.52 1.07
CA SER D 113 14.73 28.12 -0.24
C SER D 113 13.83 29.33 -0.41
N HIS D 114 12.68 29.33 0.25
CA HIS D 114 11.62 30.31 0.01
C HIS D 114 11.04 30.84 1.34
N GLY D 115 10.08 30.14 1.93
CA GLY D 115 9.51 30.54 3.21
C GLY D 115 8.69 31.83 3.25
N LYS D 116 8.13 32.22 2.11
CA LYS D 116 7.24 33.38 2.01
C LYS D 116 5.91 32.85 1.47
N ALA D 117 4.97 32.60 2.38
CA ALA D 117 3.72 31.97 2.04
C ALA D 117 2.86 32.84 1.08
N ASN D 118 3.07 34.16 1.09
CA ASN D 118 2.29 35.12 0.30
C ASN D 118 2.82 35.38 -1.09
N GLU D 119 3.97 34.80 -1.45
CA GLU D 119 4.52 34.93 -2.80
C GLU D 119 4.75 33.55 -3.42
N PHE D 120 4.45 33.38 -4.70
CA PHE D 120 4.78 32.13 -5.36
C PHE D 120 6.22 32.24 -5.89
N PRO D 121 7.11 31.30 -5.54
CA PRO D 121 8.50 31.39 -5.99
C PRO D 121 8.73 31.29 -7.49
N ASP D 122 9.85 31.86 -7.94
CA ASP D 122 10.32 31.76 -9.35
C ASP D 122 11.06 30.43 -9.63
N ILE D 123 11.81 29.96 -8.62
CA ILE D 123 12.59 28.73 -8.71
C ILE D 123 12.68 28.04 -7.36
N ILE D 124 12.62 26.71 -7.37
CA ILE D 124 12.81 25.91 -6.17
C ILE D 124 13.81 24.80 -6.42
N PRO D 125 14.39 24.25 -5.36
CA PRO D 125 15.09 22.96 -5.40
C PRO D 125 14.14 21.78 -5.61
N HIS D 126 14.44 20.90 -6.54
CA HIS D 126 13.54 19.80 -6.77
C HIS D 126 14.23 18.49 -6.39
N LEU D 127 13.45 17.42 -6.30
CA LEU D 127 13.95 16.06 -6.04
C LEU D 127 14.21 15.31 -7.31
N ARG D 128 15.38 14.69 -7.40
CA ARG D 128 15.70 13.83 -8.51
C ARG D 128 15.08 12.49 -8.30
N ALA D 129 14.88 11.79 -9.39
CA ALA D 129 14.04 10.59 -9.41
C ALA D 129 14.72 9.35 -8.79
N ASP D 130 16.07 9.35 -8.70
CA ASP D 130 16.81 8.32 -7.97
C ASP D 130 16.58 8.35 -6.46
N ILE D 131 16.06 9.45 -5.95
CA ILE D 131 15.73 9.51 -4.52
C ILE D 131 14.71 8.45 -4.07
N ALA D 132 13.77 8.12 -4.94
CA ALA D 132 12.69 7.19 -4.64
C ALA D 132 13.09 5.76 -4.30
N PRO D 133 13.90 5.09 -5.17
CA PRO D 133 14.33 3.78 -4.80
C PRO D 133 15.11 3.82 -3.50
N PHE D 134 15.94 4.85 -3.35
CA PHE D 134 16.74 5.02 -2.16
C PHE D 134 15.90 5.10 -0.85
N LEU D 135 14.95 6.01 -0.82
CA LEU D 135 14.09 6.15 0.36
C LEU D 135 13.20 4.96 0.52
N SER D 136 12.73 4.42 -0.56
CA SER D 136 11.89 3.22 -0.50
C SER D 136 12.66 2.08 0.22
N GLU D 137 13.90 1.85 -0.20
CA GLU D 137 14.73 0.81 0.38
C GLU D 137 14.87 0.92 1.88
N LYS D 138 15.01 2.14 2.40
CA LYS D 138 15.06 2.38 3.81
C LYS D 138 13.79 2.31 4.58
N GLY D 139 12.63 2.15 3.93
CA GLY D 139 11.32 2.04 4.60
C GLY D 139 10.48 3.32 4.74
N ILE D 140 10.90 4.37 4.02
CA ILE D 140 10.27 5.66 4.11
C ILE D 140 8.96 5.72 3.27
N ARG D 141 7.86 6.06 3.96
CA ARG D 141 6.53 6.10 3.40
C ARG D 141 6.07 7.53 3.12
N LEU D 142 6.73 8.55 3.67
CA LEU D 142 6.26 9.92 3.45
C LEU D 142 7.44 10.84 3.40
N ILE D 143 7.41 11.74 2.41
CA ILE D 143 8.41 12.75 2.26
C ILE D 143 7.72 14.08 2.28
N GLY D 144 8.33 15.04 2.97
CA GLY D 144 7.81 16.40 3.06
C GLY D 144 8.85 17.43 2.71
N VAL D 145 8.43 18.53 2.07
CA VAL D 145 9.32 19.60 1.67
C VAL D 145 8.73 20.98 1.95
N ASP D 146 9.60 21.95 2.16
CA ASP D 146 9.14 23.28 2.56
C ASP D 146 8.99 24.16 1.36
N VAL D 147 8.60 23.55 0.26
CA VAL D 147 8.31 24.28 -0.98
C VAL D 147 7.06 23.69 -1.61
N PRO D 148 6.44 24.41 -2.57
CA PRO D 148 5.20 23.97 -3.17
C PRO D 148 5.21 22.66 -3.95
N SER D 149 6.38 22.20 -4.35
CA SER D 149 6.43 21.03 -5.19
C SER D 149 7.64 20.17 -4.97
N VAL D 150 7.54 18.88 -5.36
CA VAL D 150 8.70 18.06 -5.51
C VAL D 150 9.33 18.02 -6.86
N ASP D 151 8.67 18.57 -7.88
CA ASP D 151 9.27 18.70 -9.20
C ASP D 151 9.50 20.15 -9.51
N PRO D 152 10.37 20.45 -10.47
CA PRO D 152 10.52 21.87 -10.85
C PRO D 152 9.18 22.55 -11.24
N LEU D 153 9.12 23.85 -11.01
CA LEU D 153 7.89 24.64 -11.19
C LEU D 153 7.22 24.56 -12.59
N ASP D 154 8.01 24.33 -13.64
CA ASP D 154 7.51 24.31 -15.03
C ASP D 154 7.48 22.91 -15.67
N ASP D 155 7.87 21.88 -14.92
CA ASP D 155 7.90 20.51 -15.41
C ASP D 155 6.49 19.96 -15.49
N LYS D 156 6.15 19.39 -16.65
CA LYS D 156 4.87 18.79 -16.90
C LYS D 156 4.90 17.29 -16.81
N GLU D 157 6.05 16.65 -16.78
CA GLU D 157 6.09 15.20 -16.68
C GLU D 157 5.81 14.76 -15.26
N LEU D 158 6.16 15.63 -14.31
CA LEU D 158 6.17 15.34 -12.91
C LEU D 158 6.84 14.00 -12.59
N ALA D 159 8.10 13.89 -12.96
CA ALA D 159 8.88 12.70 -12.72
C ALA D 159 8.86 12.32 -11.25
N ALA D 160 9.22 13.27 -10.40
CA ALA D 160 9.37 13.01 -8.95
C ALA D 160 8.06 12.52 -8.36
N HIS D 161 6.95 13.19 -8.72
CA HIS D 161 5.59 12.79 -8.22
C HIS D 161 5.33 11.31 -8.57
N HIS D 162 5.55 10.98 -9.83
CA HIS D 162 5.29 9.64 -10.31
C HIS D 162 6.16 8.53 -9.69
N GLN D 163 7.42 8.85 -9.51
CA GLN D 163 8.40 7.93 -8.98
C GLN D 163 8.20 7.70 -7.46
N LEU D 164 7.99 8.78 -6.72
CA LEU D 164 7.65 8.64 -5.32
C LEU D 164 6.48 7.68 -5.16
N PHE D 165 5.40 7.91 -5.86
CA PHE D 165 4.24 6.97 -5.81
C PHE D 165 4.50 5.53 -6.22
N LYS D 166 5.28 5.42 -7.29
CA LYS D 166 5.65 4.11 -7.82
C LYS D 166 6.40 3.31 -6.74
N HIS D 167 7.02 4.00 -5.79
CA HIS D 167 7.62 3.34 -4.64
C HIS D 167 6.91 3.51 -3.30
N SER D 168 5.62 3.86 -3.33
CA SER D 168 4.79 3.92 -2.15
C SER D 168 5.17 5.00 -1.20
N ILE D 169 5.75 6.04 -1.71
CA ILE D 169 6.03 7.22 -0.88
C ILE D 169 5.00 8.30 -1.15
N HIS D 170 4.37 8.75 -0.04
CA HIS D 170 3.35 9.80 -0.05
C HIS D 170 4.01 11.16 0.04
N ILE D 171 3.25 12.19 -0.31
CA ILE D 171 3.83 13.56 -0.51
C ILE D 171 3.16 14.62 0.30
N LEU D 172 3.97 15.45 0.96
CA LEU D 172 3.54 16.60 1.76
C LEU D 172 4.35 17.82 1.30
N GLU D 173 3.67 18.89 0.93
CA GLU D 173 4.26 20.12 0.43
C GLU D 173 3.88 21.35 1.28
N ASN D 174 4.75 22.35 1.22
CA ASN D 174 4.64 23.67 1.88
C ASN D 174 4.61 23.64 3.38
N VAL D 175 5.41 22.79 3.99
CA VAL D 175 5.57 22.81 5.46
C VAL D 175 6.48 24.01 5.77
N VAL D 176 6.34 24.54 6.97
CA VAL D 176 7.11 25.70 7.41
C VAL D 176 8.12 25.17 8.43
N LEU D 177 9.40 25.04 8.03
CA LEU D 177 10.43 24.54 8.88
C LEU D 177 11.51 25.53 9.33
N ASP D 178 11.37 26.84 9.09
CA ASP D 178 12.50 27.74 9.47
C ASP D 178 12.68 28.02 10.96
N HIS D 179 11.68 27.72 11.77
CA HIS D 179 11.72 27.92 13.23
C HIS D 179 11.96 26.60 14.02
N VAL D 180 12.26 25.51 13.33
CA VAL D 180 12.46 24.24 14.02
C VAL D 180 13.88 23.71 13.75
N ALA D 181 14.44 23.02 14.73
CA ALA D 181 15.76 22.34 14.61
C ALA D 181 15.69 20.92 14.00
N ASP D 182 16.77 20.53 13.34
CA ASP D 182 16.86 19.17 12.83
C ASP D 182 16.65 18.16 13.96
N GLY D 183 16.12 17.00 13.63
CA GLY D 183 15.97 15.94 14.61
C GLY D 183 14.72 15.12 14.49
N ASP D 184 14.41 14.37 15.53
CA ASP D 184 13.26 13.54 15.60
C ASP D 184 12.07 14.16 16.31
N TYR D 185 10.89 13.90 15.73
CA TYR D 185 9.65 14.46 16.24
C TYR D 185 8.53 13.50 15.97
N GLU D 186 7.40 13.75 16.60
CA GLU D 186 6.19 13.09 16.23
C GLU D 186 5.48 14.03 15.26
N LEU D 187 5.01 13.51 14.13
CA LEU D 187 4.28 14.35 13.12
C LEU D 187 2.83 14.04 13.10
N ILE D 188 2.05 15.09 12.92
CA ILE D 188 0.66 14.90 12.48
C ILE D 188 0.39 15.79 11.26
N ALA D 189 -0.19 15.21 10.22
CA ALA D 189 -0.52 15.96 9.01
C ALA D 189 -1.59 15.21 8.26
N LEU D 190 -2.77 15.15 8.82
CA LEU D 190 -3.83 14.32 8.25
C LEU D 190 -4.64 15.03 7.20
N PRO D 191 -4.96 14.35 6.09
CA PRO D 191 -5.86 15.03 5.12
C PRO D 191 -7.31 14.95 5.64
N LEU D 192 -8.14 15.84 5.06
CA LEU D 192 -9.60 15.81 5.26
C LEU D 192 -10.17 14.63 4.49
N ALA D 193 -11.34 14.23 4.89
CA ALA D 193 -11.92 13.02 4.39
C ALA D 193 -12.56 13.22 3.10
N LEU D 194 -11.78 13.63 2.07
CA LEU D 194 -12.42 14.02 0.82
C LEU D 194 -12.56 12.85 -0.14
N SER D 195 -13.79 12.37 -0.36
CA SER D 195 -14.04 11.20 -1.19
C SER D 195 -13.46 11.23 -2.60
N ASP D 196 -13.56 12.38 -3.28
CA ASP D 196 -13.25 12.47 -4.71
C ASP D 196 -12.04 13.38 -5.07
N ALA D 197 -11.31 13.90 -4.09
CA ALA D 197 -10.29 14.93 -4.32
C ALA D 197 -8.84 14.46 -4.62
N ASP D 198 -8.10 15.39 -5.19
CA ASP D 198 -6.74 15.19 -5.73
C ASP D 198 -5.63 15.57 -4.69
N GLY D 199 -6.07 15.85 -3.48
CA GLY D 199 -5.19 16.22 -2.39
C GLY D 199 -6.02 16.73 -1.21
N SER D 200 -5.38 17.22 -0.18
CA SER D 200 -6.10 17.97 0.83
C SER D 200 -5.20 18.92 1.60
N PRO D 201 -5.70 20.09 2.01
CA PRO D 201 -4.89 20.85 2.91
C PRO D 201 -4.90 20.08 4.25
N VAL D 202 -3.89 20.34 5.07
CA VAL D 202 -3.73 19.73 6.36
C VAL D 202 -3.28 20.81 7.37
N ARG D 203 -3.48 20.56 8.64
CA ARG D 203 -2.68 21.18 9.69
C ARG D 203 -1.56 20.25 10.09
N ALA D 204 -0.34 20.62 9.71
CA ALA D 204 0.85 19.87 10.03
C ALA D 204 1.42 20.44 11.33
N VAL D 205 1.55 19.58 12.34
CA VAL D 205 2.23 19.95 13.54
C VAL D 205 3.26 18.87 13.92
N ILE D 206 4.25 19.28 14.72
CA ILE D 206 5.22 18.35 15.24
C ILE D 206 5.46 18.56 16.70
N ARG D 207 5.86 17.48 17.39
CA ARG D 207 6.26 17.52 18.83
C ARG D 207 7.59 16.80 18.99
N PRO D 208 8.60 17.48 19.61
CA PRO D 208 9.97 16.88 19.77
C PRO D 208 9.91 15.61 20.57
N ILE D 209 10.57 14.56 20.10
CA ILE D 209 10.57 13.31 20.82
C ILE D 209 11.24 13.63 22.16
#